data_4S1V
#
_entry.id   4S1V
#
_cell.length_a   51.916
_cell.length_b   83.258
_cell.length_c   85.986
_cell.angle_alpha   64.39
_cell.angle_beta   81.94
_cell.angle_gamma   76.03
#
_symmetry.space_group_name_H-M   'P 1'
#
loop_
_entity.id
_entity.type
_entity.pdbx_description
1 polymer 'D-3-phosphoglycerate dehydrogenase-related protein'
2 water water
#
_entity_poly.entity_id   1
_entity_poly.type   'polypeptide(L)'
_entity_poly.pdbx_seq_one_letter_code
;MMKIAILDDYQNVVRGLNAFQCLQGHDVTVFNDSVSDETVLIERLKPFEALVLIRERTPITENLLAHLPNLKLISQTGKV
SNHIDVPLCERYGVTVLEGIGSPVAPAELCWSLILAASRHLPSYIEQLHAGHWQQNGGLGLGRTLSGRTLGIWGLGKIGQ
RIAQFGHVFGMPILVWGSEASRQKALELGYQAAADKAEFFAKADVLSLHLRLNDATRGIVTKQDLLAMKPDSLFVNTSRA
ELVESGALYSVMQANPMRQAAVDVYENEPALPNNEPLLSLPNVLCAPHLGYVEKNSYEIYFQAAFENVVKFAHSAAKASL
SDKALEHHHHHH
;
_entity_poly.pdbx_strand_id   D,A,B,C
#
# COMPACT_ATOMS: atom_id res chain seq x y z
N MET A 1 -28.90 16.79 13.12
CA MET A 1 -29.02 17.89 14.11
C MET A 1 -27.94 18.94 13.92
N MET A 2 -26.68 18.54 13.94
CA MET A 2 -25.54 19.45 13.67
C MET A 2 -24.67 19.05 12.48
N LYS A 3 -24.06 20.04 11.82
CA LYS A 3 -22.99 19.76 10.84
C LYS A 3 -21.67 19.65 11.58
N ILE A 4 -21.04 18.49 11.48
CA ILE A 4 -19.85 18.19 12.28
C ILE A 4 -18.68 17.80 11.41
N ALA A 5 -17.54 18.46 11.63
CA ALA A 5 -16.29 18.06 11.00
C ALA A 5 -15.39 17.38 12.01
N ILE A 6 -14.89 16.20 11.65
CA ILE A 6 -13.86 15.53 12.45
C ILE A 6 -12.55 15.68 11.70
N LEU A 7 -11.57 16.24 12.39
CA LEU A 7 -10.33 16.66 11.75
C LEU A 7 -9.22 15.63 11.89
N ASP A 8 -8.44 15.50 10.83
CA ASP A 8 -7.12 14.85 10.85
C ASP A 8 -7.13 13.36 11.16
N ASP A 9 -8.18 12.66 10.73
CA ASP A 9 -8.23 11.20 10.82
C ASP A 9 -7.46 10.61 9.65
N TYR A 10 -6.13 10.63 9.74
CA TYR A 10 -5.27 10.29 8.60
C TYR A 10 -5.52 8.90 8.06
N GLN A 11 -5.86 7.97 8.95
CA GLN A 11 -6.00 6.57 8.56
C GLN A 11 -7.43 6.20 8.17
N ASN A 12 -8.35 7.18 8.26
CA ASN A 12 -9.78 6.94 8.01
C ASN A 12 -10.35 5.83 8.90
N VAL A 13 -10.07 5.89 10.19
CA VAL A 13 -10.48 4.82 11.12
C VAL A 13 -11.59 5.21 12.10
N VAL A 14 -11.87 6.51 12.22
CA VAL A 14 -12.84 6.99 13.20
C VAL A 14 -14.25 6.43 12.93
N ARG A 15 -14.64 6.39 11.66
CA ARG A 15 -15.95 5.87 11.25
C ARG A 15 -16.15 4.42 11.63
N GLY A 16 -15.04 3.69 11.76
CA GLY A 16 -15.08 2.27 12.09
C GLY A 16 -15.18 1.95 13.58
N LEU A 17 -15.10 2.98 14.42
CA LEU A 17 -15.21 2.77 15.87
C LEU A 17 -16.66 2.51 16.28
N ASN A 18 -16.87 1.72 17.34
CA ASN A 18 -18.20 1.55 17.92
C ASN A 18 -18.74 2.89 18.41
N ALA A 19 -17.83 3.71 18.96
CA ALA A 19 -18.14 5.05 19.43
C ALA A 19 -18.80 5.94 18.36
N PHE A 20 -18.53 5.66 17.08
CA PHE A 20 -19.06 6.52 16.01
C PHE A 20 -20.59 6.54 15.96
N GLN A 21 -21.21 5.47 16.44
CA GLN A 21 -22.66 5.35 16.46
C GLN A 21 -23.30 6.44 17.33
N CYS A 22 -22.56 6.96 18.31
CA CYS A 22 -22.99 8.12 19.11
C CYS A 22 -23.38 9.32 18.26
N LEU A 23 -22.80 9.46 17.06
CA LEU A 23 -23.09 10.61 16.20
C LEU A 23 -24.20 10.36 15.19
N GLN A 24 -25.00 9.31 15.43
CA GLN A 24 -26.16 9.00 14.58
C GLN A 24 -27.08 10.22 14.54
N GLY A 25 -27.43 10.65 13.32
CA GLY A 25 -28.32 11.78 13.13
C GLY A 25 -27.62 13.08 12.77
N HIS A 26 -26.33 13.18 13.04
CA HIS A 26 -25.61 14.39 12.70
C HIS A 26 -25.06 14.31 11.31
N ASP A 27 -24.86 15.47 10.69
CA ASP A 27 -24.32 15.53 9.34
C ASP A 27 -22.81 15.64 9.45
N VAL A 28 -22.14 14.49 9.38
CA VAL A 28 -20.73 14.37 9.74
C VAL A 28 -19.81 14.27 8.51
N THR A 29 -18.79 15.13 8.49
CA THR A 29 -17.71 15.00 7.53
C THR A 29 -16.41 14.71 8.27
N VAL A 30 -15.72 13.65 7.88
CA VAL A 30 -14.42 13.32 8.46
C VAL A 30 -13.33 13.69 7.45
N PHE A 31 -12.40 14.56 7.87
CA PHE A 31 -11.26 14.92 7.05
C PHE A 31 -10.04 14.06 7.39
N ASN A 32 -9.24 13.75 6.37
CA ASN A 32 -8.13 12.81 6.55
C ASN A 32 -6.78 13.30 6.06
N ASP A 33 -6.70 14.58 5.71
CA ASP A 33 -5.46 15.17 5.21
C ASP A 33 -4.95 16.21 6.21
N SER A 34 -3.91 16.96 5.82
CA SER A 34 -3.27 17.91 6.72
C SER A 34 -3.05 19.28 6.07
N VAL A 35 -3.94 20.22 6.37
CA VAL A 35 -3.91 21.54 5.75
C VAL A 35 -2.87 22.43 6.44
N SER A 36 -1.97 23.03 5.66
CA SER A 36 -0.88 23.85 6.22
C SER A 36 -1.24 25.34 6.23
N ASP A 37 -2.20 25.71 5.40
CA ASP A 37 -2.62 27.09 5.29
C ASP A 37 -3.94 27.30 6.02
N GLU A 38 -3.91 28.19 7.03
CA GLU A 38 -5.09 28.53 7.80
C GLU A 38 -6.19 29.18 6.94
N THR A 39 -5.80 29.88 5.88
CA THR A 39 -6.78 30.45 4.95
C THR A 39 -7.61 29.33 4.29
N VAL A 40 -6.92 28.28 3.86
CA VAL A 40 -7.55 27.10 3.28
C VAL A 40 -8.43 26.40 4.34
N LEU A 41 -7.88 26.24 5.54
CA LEU A 41 -8.61 25.61 6.64
C LEU A 41 -9.93 26.32 6.95
N ILE A 42 -9.88 27.66 7.08
CA ILE A 42 -11.06 28.48 7.35
C ILE A 42 -12.18 28.28 6.30
N GLU A 43 -11.84 28.36 5.02
CA GLU A 43 -12.81 28.09 3.93
C GLU A 43 -13.43 26.70 4.03
N ARG A 44 -12.59 25.70 4.29
CA ARG A 44 -13.07 24.32 4.44
C ARG A 44 -14.07 24.17 5.60
N LEU A 45 -13.78 24.83 6.72
CA LEU A 45 -14.54 24.60 7.95
C LEU A 45 -15.73 25.56 8.16
N LYS A 46 -15.88 26.54 7.27
CA LYS A 46 -16.98 27.52 7.36
C LYS A 46 -18.39 26.94 7.64
N PRO A 47 -18.78 25.86 6.94
CA PRO A 47 -20.17 25.35 7.08
C PRO A 47 -20.49 24.76 8.45
N PHE A 48 -19.46 24.35 9.18
CA PHE A 48 -19.63 23.44 10.30
C PHE A 48 -20.06 24.10 11.61
N GLU A 49 -20.91 23.39 12.36
CA GLU A 49 -21.43 23.86 13.65
C GLU A 49 -20.65 23.29 14.82
N ALA A 50 -19.97 22.18 14.60
CA ALA A 50 -19.13 21.55 15.62
C ALA A 50 -17.87 20.95 15.01
N LEU A 51 -16.78 21.01 15.78
CA LEU A 51 -15.53 20.37 15.41
C LEU A 51 -15.16 19.32 16.46
N VAL A 52 -14.73 18.15 16.01
CA VAL A 52 -14.13 17.18 16.93
C VAL A 52 -12.64 17.12 16.60
N LEU A 53 -11.82 17.49 17.57
CA LEU A 53 -10.39 17.45 17.45
C LEU A 53 -9.75 16.15 17.92
N ILE A 54 -8.78 15.69 17.16
CA ILE A 54 -7.89 14.62 17.51
C ILE A 54 -6.60 15.12 18.16
N ARG A 55 -6.56 15.07 19.47
CA ARG A 55 -5.46 15.56 20.26
C ARG A 55 -4.98 16.87 19.69
N GLU A 56 -3.70 17.01 19.45
CA GLU A 56 -3.12 18.26 19.04
C GLU A 56 -2.81 18.42 17.54
N ARG A 57 -3.44 17.61 16.71
CA ARG A 57 -3.15 17.56 15.27
C ARG A 57 -3.52 18.88 14.55
N THR A 58 -4.49 19.62 15.09
CA THR A 58 -4.80 20.96 14.58
C THR A 58 -4.88 21.95 15.74
N PRO A 59 -4.07 23.02 15.67
CA PRO A 59 -4.12 24.03 16.72
C PRO A 59 -5.27 25.01 16.50
N ILE A 60 -5.96 25.38 17.57
CA ILE A 60 -7.08 26.33 17.46
C ILE A 60 -6.62 27.74 17.79
N THR A 61 -6.38 28.53 16.75
CA THR A 61 -5.91 29.90 16.91
C THR A 61 -7.08 30.87 16.97
N GLU A 62 -6.81 32.09 17.42
CA GLU A 62 -7.80 33.15 17.43
C GLU A 62 -8.30 33.46 16.02
N ASN A 63 -7.39 33.42 15.03
CA ASN A 63 -7.73 33.66 13.63
C ASN A 63 -8.72 32.63 13.12
N LEU A 64 -8.55 31.38 13.57
CA LEU A 64 -9.44 30.31 13.22
C LEU A 64 -10.84 30.64 13.77
N LEU A 65 -10.90 30.88 15.08
CA LEU A 65 -12.16 31.17 15.79
C LEU A 65 -12.91 32.37 15.21
N ALA A 66 -12.17 33.45 14.99
CA ALA A 66 -12.75 34.71 14.52
C ALA A 66 -13.38 34.63 13.14
N HIS A 67 -12.99 33.61 12.36
CA HIS A 67 -13.51 33.45 11.00
C HIS A 67 -14.30 32.20 10.77
N LEU A 68 -14.85 31.64 11.85
CA LEU A 68 -15.79 30.54 11.74
C LEU A 68 -17.08 30.90 12.48
N PRO A 69 -17.93 31.75 11.86
CA PRO A 69 -19.12 32.27 12.52
C PRO A 69 -20.21 31.22 12.84
N ASN A 70 -20.20 30.08 12.17
CA ASN A 70 -21.18 29.02 12.44
C ASN A 70 -20.79 28.07 13.58
N LEU A 71 -19.53 28.16 14.01
CA LEU A 71 -18.98 27.25 15.00
C LEU A 71 -19.58 27.43 16.40
N LYS A 72 -20.17 26.38 16.94
CA LYS A 72 -20.82 26.44 18.25
C LYS A 72 -20.09 25.60 19.29
N LEU A 73 -19.43 24.55 18.82
CA LEU A 73 -18.83 23.56 19.71
C LEU A 73 -17.52 23.01 19.15
N ILE A 74 -16.49 23.03 19.98
CA ILE A 74 -15.27 22.24 19.76
C ILE A 74 -15.29 21.15 20.82
N SER A 75 -15.37 19.89 20.38
CA SER A 75 -15.29 18.74 21.29
C SER A 75 -13.93 18.08 21.15
N GLN A 76 -13.14 18.16 22.23
CA GLN A 76 -11.76 17.69 22.27
C GLN A 76 -11.63 16.24 22.73
N THR A 77 -10.89 15.44 21.95
CA THR A 77 -10.49 14.12 22.41
C THR A 77 -9.38 14.28 23.45
N GLY A 78 -9.58 13.69 24.62
CA GLY A 78 -8.68 13.90 25.76
C GLY A 78 -8.83 15.28 26.38
N LYS A 79 -7.85 15.68 27.18
CA LYS A 79 -7.87 16.99 27.83
C LYS A 79 -7.42 18.07 26.88
N VAL A 80 -7.95 19.28 27.08
CA VAL A 80 -7.48 20.47 26.38
C VAL A 80 -6.01 20.72 26.71
N SER A 81 -5.25 21.13 25.70
CA SER A 81 -3.80 21.18 25.79
C SER A 81 -3.26 22.51 25.24
N ASN A 82 -1.99 22.51 24.84
CA ASN A 82 -1.30 23.72 24.34
C ASN A 82 -1.88 24.26 23.03
N HIS A 83 -2.55 23.38 22.29
CA HIS A 83 -3.14 23.73 21.00
C HIS A 83 -4.51 24.40 21.10
N ILE A 84 -5.01 24.60 22.33
CA ILE A 84 -6.35 25.18 22.50
C ILE A 84 -6.51 26.01 23.79
N ASP A 85 -7.07 27.21 23.64
CA ASP A 85 -7.35 28.11 24.76
C ASP A 85 -8.85 28.27 24.96
N VAL A 86 -9.36 27.70 26.05
CA VAL A 86 -10.81 27.69 26.33
C VAL A 86 -11.43 29.09 26.56
N PRO A 87 -10.85 29.91 27.47
CA PRO A 87 -11.42 31.25 27.68
C PRO A 87 -11.58 32.04 26.37
N LEU A 88 -10.58 31.94 25.50
CA LEU A 88 -10.59 32.56 24.16
C LEU A 88 -11.76 32.07 23.29
N CYS A 89 -11.94 30.75 23.22
CA CYS A 89 -13.05 30.15 22.49
C CYS A 89 -14.40 30.70 22.94
N GLU A 90 -14.58 30.82 24.25
CA GLU A 90 -15.86 31.23 24.84
C GLU A 90 -16.20 32.67 24.50
N ARG A 91 -15.18 33.54 24.47
CA ARG A 91 -15.38 34.93 24.03
C ARG A 91 -15.91 35.00 22.59
N TYR A 92 -15.63 33.98 21.79
CA TYR A 92 -16.17 33.90 20.41
C TYR A 92 -17.47 33.10 20.30
N GLY A 93 -18.05 32.77 21.45
CA GLY A 93 -19.32 32.04 21.49
C GLY A 93 -19.20 30.55 21.21
N VAL A 94 -18.03 29.99 21.50
CA VAL A 94 -17.78 28.59 21.22
C VAL A 94 -17.58 27.85 22.55
N THR A 95 -18.44 26.88 22.81
CA THR A 95 -18.27 25.98 23.95
C THR A 95 -17.17 24.97 23.62
N VAL A 96 -16.30 24.74 24.59
CA VAL A 96 -15.29 23.69 24.50
C VAL A 96 -15.60 22.59 25.50
N LEU A 97 -15.78 21.37 25.01
CA LEU A 97 -15.92 20.20 25.86
C LEU A 97 -14.74 19.24 25.61
N GLU A 98 -14.34 18.51 26.65
CA GLU A 98 -13.12 17.70 26.58
C GLU A 98 -13.32 16.31 27.19
N GLY A 99 -12.35 15.43 26.96
CA GLY A 99 -12.32 14.11 27.61
C GLY A 99 -11.19 14.02 28.62
N ILE A 100 -10.72 12.79 28.90
CA ILE A 100 -9.62 12.58 29.84
C ILE A 100 -8.38 11.98 29.16
N GLY A 101 -7.21 12.27 29.72
CA GLY A 101 -5.95 11.71 29.24
C GLY A 101 -5.85 10.23 29.53
N SER A 102 -4.99 9.52 28.80
CA SER A 102 -4.68 8.12 29.11
C SER A 102 -3.25 7.79 28.73
N PRO A 103 -2.45 7.31 29.70
CA PRO A 103 -1.04 7.07 29.44
C PRO A 103 -0.73 5.65 28.93
N VAL A 104 -1.73 4.77 28.91
CA VAL A 104 -1.52 3.35 28.65
C VAL A 104 -0.92 3.12 27.26
N ALA A 105 -1.64 3.58 26.23
CA ALA A 105 -1.22 3.33 24.84
C ALA A 105 0.12 3.94 24.48
N PRO A 106 0.37 5.22 24.87
CA PRO A 106 1.69 5.82 24.60
C PRO A 106 2.86 5.10 25.26
N ALA A 107 2.69 4.71 26.52
CA ALA A 107 3.72 3.96 27.25
C ALA A 107 4.04 2.62 26.56
N GLU A 108 3.00 1.90 26.16
CA GLU A 108 3.18 0.63 25.47
C GLU A 108 3.88 0.86 24.15
N LEU A 109 3.48 1.91 23.43
CA LEU A 109 4.07 2.23 22.13
C LEU A 109 5.55 2.60 22.27
N CYS A 110 5.85 3.38 23.31
CA CYS A 110 7.24 3.74 23.58
C CYS A 110 8.08 2.49 23.82
N TRP A 111 7.59 1.56 24.64
CA TRP A 111 8.31 0.30 24.87
C TRP A 111 8.52 -0.54 23.62
N SER A 112 7.52 -0.53 22.74
CA SER A 112 7.59 -1.24 21.45
C SER A 112 8.71 -0.69 20.56
N LEU A 113 8.87 0.63 20.55
CA LEU A 113 9.93 1.26 19.77
C LEU A 113 11.30 0.87 20.32
N ILE A 114 11.40 0.82 21.64
CA ILE A 114 12.66 0.50 22.32
C ILE A 114 13.08 -0.93 22.03
N LEU A 115 12.15 -1.88 22.14
CA LEU A 115 12.42 -3.28 21.85
C LEU A 115 12.78 -3.46 20.38
N ALA A 116 11.95 -2.89 19.50
CA ALA A 116 12.18 -2.96 18.05
C ALA A 116 13.56 -2.42 17.63
N ALA A 117 13.91 -1.23 18.12
CA ALA A 117 15.19 -0.63 17.78
C ALA A 117 16.37 -1.45 18.33
N SER A 118 16.23 -1.94 19.56
CA SER A 118 17.31 -2.69 20.22
C SER A 118 17.57 -4.03 19.54
N ARG A 119 16.55 -4.57 18.87
CA ARG A 119 16.69 -5.85 18.18
C ARG A 119 16.69 -5.73 16.64
N HIS A 120 16.78 -4.49 16.14
CA HIS A 120 16.83 -4.21 14.69
C HIS A 120 15.69 -4.86 13.94
N LEU A 121 14.52 -4.86 14.56
CA LEU A 121 13.37 -5.63 14.07
C LEU A 121 12.85 -5.21 12.69
N PRO A 122 12.61 -3.90 12.48
CA PRO A 122 12.13 -3.49 11.16
C PRO A 122 13.06 -3.91 10.03
N SER A 123 14.37 -3.72 10.22
CA SER A 123 15.39 -4.09 9.22
C SER A 123 15.46 -5.59 8.93
N TYR A 124 15.46 -6.40 9.98
CA TYR A 124 15.46 -7.86 9.85
C TYR A 124 14.21 -8.36 9.10
N ILE A 125 13.05 -7.77 9.39
CA ILE A 125 11.78 -8.20 8.79
C ILE A 125 11.68 -7.81 7.30
N GLU A 126 12.00 -6.56 7.00
CA GLU A 126 12.11 -6.08 5.64
C GLU A 126 13.05 -6.98 4.82
N GLN A 127 14.23 -7.27 5.37
CA GLN A 127 15.19 -8.12 4.67
C GLN A 127 14.71 -9.55 4.49
N LEU A 128 13.97 -10.07 5.48
CA LEU A 128 13.36 -11.39 5.36
C LEU A 128 12.42 -11.44 4.14
N HIS A 129 11.60 -10.40 3.99
CA HIS A 129 10.67 -10.32 2.85
C HIS A 129 11.36 -9.99 1.56
N ALA A 130 12.61 -9.53 1.63
CA ALA A 130 13.42 -9.28 0.42
C ALA A 130 14.18 -10.53 -0.03
N GLY A 131 14.18 -11.57 0.80
CA GLY A 131 14.83 -12.84 0.48
C GLY A 131 16.16 -13.07 1.15
N HIS A 132 16.49 -12.25 2.14
CA HIS A 132 17.78 -12.34 2.83
C HIS A 132 17.60 -12.73 4.27
N TRP A 133 17.87 -13.99 4.58
CA TRP A 133 17.60 -14.55 5.89
C TRP A 133 18.52 -14.00 6.93
N GLN A 134 17.93 -13.40 7.96
CA GLN A 134 18.67 -12.91 9.12
C GLN A 134 19.76 -11.91 8.75
N GLN A 135 19.42 -11.00 7.84
CA GLN A 135 20.25 -9.84 7.52
C GLN A 135 19.46 -8.59 7.89
N ASN A 136 20.17 -7.49 8.15
CA ASN A 136 19.52 -6.25 8.54
C ASN A 136 20.19 -5.00 7.93
N GLY A 137 20.87 -5.21 6.81
CA GLY A 137 21.59 -4.13 6.12
C GLY A 137 22.87 -3.70 6.81
N GLY A 138 23.58 -4.67 7.39
CA GLY A 138 24.86 -4.43 8.03
C GLY A 138 24.84 -3.74 9.38
N LEU A 139 23.75 -3.92 10.14
CA LEU A 139 23.63 -3.28 11.45
C LEU A 139 24.23 -4.12 12.56
N GLY A 140 24.51 -5.40 12.28
CA GLY A 140 25.09 -6.31 13.26
C GLY A 140 24.04 -6.91 14.20
N LEU A 141 24.50 -7.47 15.31
CA LEU A 141 23.64 -8.12 16.29
C LEU A 141 22.83 -7.10 17.09
N GLY A 142 21.60 -7.47 17.45
CA GLY A 142 20.79 -6.66 18.35
C GLY A 142 21.21 -6.96 19.77
N ARG A 143 20.64 -6.26 20.74
CA ARG A 143 21.00 -6.49 22.13
C ARG A 143 19.84 -6.49 23.10
N THR A 144 20.05 -7.14 24.23
CA THR A 144 19.08 -7.18 25.31
C THR A 144 19.04 -5.84 26.07
N LEU A 145 17.88 -5.56 26.66
CA LEU A 145 17.75 -4.43 27.56
C LEU A 145 18.26 -4.84 28.93
N SER A 146 18.25 -6.13 29.22
CA SER A 146 18.71 -6.67 30.51
C SER A 146 20.15 -6.28 30.83
N GLY A 147 20.34 -5.69 32.01
CA GLY A 147 21.65 -5.22 32.45
C GLY A 147 22.08 -3.89 31.83
N ARG A 148 21.29 -3.39 30.87
CA ARG A 148 21.52 -2.05 30.30
C ARG A 148 20.80 -0.99 31.12
N THR A 149 21.45 0.15 31.28
CA THR A 149 20.89 1.24 32.07
C THR A 149 19.85 2.04 31.27
N LEU A 150 18.63 2.10 31.80
CA LEU A 150 17.58 2.94 31.22
C LEU A 150 17.56 4.34 31.87
N GLY A 151 17.93 5.33 31.07
CA GLY A 151 17.86 6.73 31.50
C GLY A 151 16.52 7.37 31.17
N ILE A 152 15.90 7.96 32.19
CA ILE A 152 14.59 8.59 32.04
C ILE A 152 14.64 10.02 32.54
N TRP A 153 14.15 10.96 31.71
CA TRP A 153 14.06 12.36 32.12
C TRP A 153 12.74 12.69 32.77
N GLY A 154 11.66 12.82 32.01
CA GLY A 154 10.35 13.10 32.64
C GLY A 154 9.76 11.95 33.45
N LEU A 155 9.56 12.15 34.75
CA LEU A 155 9.01 11.09 35.60
C LEU A 155 7.52 11.26 35.93
N GLY A 156 6.73 11.63 34.93
CA GLY A 156 5.27 11.71 35.05
C GLY A 156 4.61 10.35 34.93
N LYS A 157 3.34 10.36 34.51
CA LYS A 157 2.56 9.11 34.38
C LYS A 157 3.18 8.13 33.38
N ILE A 158 3.58 8.64 32.22
CA ILE A 158 4.18 7.80 31.19
C ILE A 158 5.61 7.41 31.60
N GLY A 159 6.39 8.38 32.06
CA GLY A 159 7.74 8.12 32.55
C GLY A 159 7.81 7.04 33.62
N GLN A 160 6.80 6.98 34.48
CA GLN A 160 6.77 5.96 35.55
C GLN A 160 6.46 4.55 35.02
N ARG A 161 5.55 4.46 34.05
CA ARG A 161 5.26 3.19 33.40
C ARG A 161 6.47 2.62 32.66
N ILE A 162 7.15 3.46 31.90
CA ILE A 162 8.40 3.10 31.21
C ILE A 162 9.47 2.62 32.18
N ALA A 163 9.61 3.31 33.31
CA ALA A 163 10.53 2.91 34.38
C ALA A 163 10.18 1.55 34.96
N GLN A 164 8.87 1.29 35.17
CA GLN A 164 8.39 -0.03 35.59
C GLN A 164 8.73 -1.12 34.58
N PHE A 165 8.49 -0.84 33.30
CA PHE A 165 8.82 -1.76 32.21
C PHE A 165 10.30 -2.10 32.27
N GLY A 166 11.13 -1.06 32.35
CA GLY A 166 12.59 -1.21 32.38
C GLY A 166 13.07 -2.06 33.53
N HIS A 167 12.48 -1.85 34.71
CA HIS A 167 12.87 -2.60 35.90
C HIS A 167 12.60 -4.07 35.74
N VAL A 168 11.36 -4.40 35.33
CA VAL A 168 10.95 -5.79 35.12
C VAL A 168 11.75 -6.48 34.01
N PHE A 169 12.26 -5.68 33.07
CA PHE A 169 13.15 -6.18 32.03
C PHE A 169 14.61 -6.27 32.45
N GLY A 170 14.87 -6.05 33.75
CA GLY A 170 16.24 -6.12 34.28
C GLY A 170 17.12 -4.91 34.01
N MET A 171 16.51 -3.73 33.90
CA MET A 171 17.27 -2.52 33.60
C MET A 171 17.49 -1.71 34.86
N PRO A 172 18.76 -1.33 35.16
CA PRO A 172 18.94 -0.26 36.14
C PRO A 172 18.30 1.01 35.60
N ILE A 173 17.58 1.71 36.47
CA ILE A 173 16.85 2.93 36.10
C ILE A 173 17.63 4.12 36.65
N LEU A 174 17.97 5.06 35.78
CA LEU A 174 18.68 6.29 36.15
C LEU A 174 17.79 7.46 35.79
N VAL A 175 17.56 8.35 36.75
CA VAL A 175 16.66 9.47 36.54
C VAL A 175 17.38 10.82 36.62
N TRP A 176 17.03 11.71 35.70
CA TRP A 176 17.47 13.10 35.74
C TRP A 176 16.27 14.01 35.56
N GLY A 177 16.38 15.25 36.05
CA GLY A 177 15.28 16.21 36.05
C GLY A 177 15.38 17.10 37.28
N SER A 178 14.24 17.66 37.72
CA SER A 178 14.17 18.43 38.97
C SER A 178 14.55 17.56 40.15
N GLU A 179 14.95 18.19 41.26
CA GLU A 179 15.28 17.45 42.49
C GLU A 179 14.05 16.72 42.99
N ALA A 180 12.88 17.34 42.85
CA ALA A 180 11.61 16.71 43.21
C ALA A 180 11.38 15.42 42.44
N SER A 181 11.68 15.41 41.15
CA SER A 181 11.56 14.19 40.31
C SER A 181 12.57 13.13 40.73
N ARG A 182 13.81 13.56 40.94
CA ARG A 182 14.88 12.65 41.39
C ARG A 182 14.59 12.08 42.78
N GLN A 183 13.99 12.89 43.66
CA GLN A 183 13.57 12.39 44.98
C GLN A 183 12.52 11.28 44.84
N LYS A 184 11.52 11.52 44.00
CA LYS A 184 10.51 10.51 43.69
C LYS A 184 11.15 9.23 43.14
N ALA A 185 12.08 9.40 42.21
CA ALA A 185 12.86 8.29 41.65
C ALA A 185 13.55 7.44 42.72
N LEU A 186 14.26 8.09 43.64
CA LEU A 186 14.94 7.40 44.77
C LEU A 186 13.97 6.64 45.68
N GLU A 187 12.81 7.24 45.95
CA GLU A 187 11.80 6.59 46.78
C GLU A 187 11.24 5.34 46.10
N LEU A 188 11.22 5.35 44.77
CA LEU A 188 10.81 4.17 44.01
C LEU A 188 11.92 3.15 43.85
N GLY A 189 13.11 3.47 44.36
CA GLY A 189 14.22 2.51 44.36
C GLY A 189 15.12 2.64 43.15
N TYR A 190 14.97 3.73 42.41
CA TYR A 190 15.82 3.99 41.26
C TYR A 190 17.01 4.87 41.62
N GLN A 191 17.96 4.98 40.70
CA GLN A 191 19.11 5.87 40.84
C GLN A 191 18.75 7.29 40.40
N ALA A 192 19.40 8.28 41.02
CA ALA A 192 19.33 9.67 40.54
C ALA A 192 20.70 10.09 40.00
N ALA A 193 20.72 10.55 38.75
CA ALA A 193 21.95 11.02 38.11
C ALA A 193 22.47 12.27 38.81
N ALA A 194 23.79 12.35 38.95
CA ALA A 194 24.45 13.43 39.70
C ALA A 194 24.26 14.78 39.00
N ASP A 195 24.36 14.77 37.66
CA ASP A 195 24.04 15.92 36.84
C ASP A 195 23.64 15.50 35.42
N LYS A 196 23.31 16.49 34.59
CA LYS A 196 22.95 16.23 33.21
C LYS A 196 24.08 15.52 32.44
N ALA A 197 25.33 15.92 32.67
CA ALA A 197 26.49 15.27 32.06
C ALA A 197 26.52 13.77 32.33
N GLU A 198 26.41 13.38 33.61
CA GLU A 198 26.48 11.96 33.97
C GLU A 198 25.28 11.17 33.42
N PHE A 199 24.11 11.79 33.42
CA PHE A 199 22.89 11.19 32.86
C PHE A 199 23.07 10.77 31.40
N PHE A 200 23.50 11.72 30.56
CA PHE A 200 23.71 11.45 29.13
C PHE A 200 24.90 10.51 28.85
N ALA A 201 25.91 10.56 29.72
CA ALA A 201 27.07 9.69 29.56
C ALA A 201 26.82 8.24 29.99
N LYS A 202 25.89 8.02 30.91
CA LYS A 202 25.69 6.67 31.51
C LYS A 202 24.51 5.85 30.97
N ALA A 203 23.49 6.53 30.46
CA ALA A 203 22.31 5.86 29.90
C ALA A 203 22.66 5.00 28.67
N ASP A 204 22.24 3.73 28.70
CA ASP A 204 22.37 2.91 27.50
C ASP A 204 21.19 3.17 26.59
N VAL A 205 20.00 3.23 27.20
CA VAL A 205 18.78 3.69 26.54
C VAL A 205 18.33 4.95 27.28
N LEU A 206 18.05 6.00 26.51
CA LEU A 206 17.67 7.28 27.09
C LEU A 206 16.37 7.78 26.48
N SER A 207 15.32 7.82 27.30
CA SER A 207 13.98 8.16 26.86
C SER A 207 13.47 9.46 27.50
N LEU A 208 12.88 10.33 26.68
CA LEU A 208 12.35 11.62 27.15
C LEU A 208 10.84 11.57 27.38
N HIS A 209 10.40 12.13 28.50
CA HIS A 209 8.98 12.11 28.86
C HIS A 209 8.56 13.39 29.52
N LEU A 210 8.89 14.50 28.85
CA LEU A 210 8.61 15.83 29.35
C LEU A 210 7.54 16.51 28.51
N ARG A 211 6.70 17.30 29.18
CA ARG A 211 5.80 18.20 28.50
C ARG A 211 6.62 19.33 27.90
N LEU A 212 6.19 19.85 26.76
CA LEU A 212 6.84 20.98 26.14
C LEU A 212 6.34 22.31 26.71
N ASN A 213 7.27 23.13 27.17
CA ASN A 213 6.98 24.49 27.59
C ASN A 213 8.20 25.38 27.32
N ASP A 214 8.22 26.58 27.92
CA ASP A 214 9.35 27.48 27.73
C ASP A 214 10.59 27.07 28.54
N ALA A 215 10.38 26.30 29.61
CA ALA A 215 11.50 25.77 30.40
C ALA A 215 12.18 24.57 29.70
N THR A 216 11.43 23.85 28.87
CA THR A 216 11.91 22.58 28.31
C THR A 216 12.28 22.64 26.83
N ARG A 217 11.92 23.72 26.14
CA ARG A 217 12.23 23.88 24.73
C ARG A 217 13.74 23.87 24.51
N GLY A 218 14.21 22.96 23.66
CA GLY A 218 15.63 22.84 23.36
C GLY A 218 16.49 22.53 24.58
N ILE A 219 15.87 21.93 25.58
CA ILE A 219 16.57 21.60 26.83
C ILE A 219 17.60 20.48 26.63
N VAL A 220 17.39 19.66 25.59
CA VAL A 220 18.39 18.68 25.17
C VAL A 220 19.24 19.30 24.05
N THR A 221 20.50 19.55 24.35
CA THR A 221 21.42 20.19 23.40
C THR A 221 22.15 19.16 22.52
N LYS A 222 22.71 19.62 21.40
CA LYS A 222 23.60 18.78 20.59
C LYS A 222 24.76 18.25 21.44
N GLN A 223 25.25 19.10 22.34
CA GLN A 223 26.34 18.76 23.25
C GLN A 223 25.97 17.56 24.12
N ASP A 224 24.73 17.55 24.62
CA ASP A 224 24.20 16.45 25.43
C ASP A 224 24.18 15.15 24.63
N LEU A 225 23.67 15.22 23.41
CA LEU A 225 23.60 14.05 22.52
C LEU A 225 24.97 13.48 22.24
N LEU A 226 25.95 14.37 22.05
CA LEU A 226 27.32 13.99 21.71
C LEU A 226 28.07 13.36 22.88
N ALA A 227 27.58 13.59 24.09
CA ALA A 227 28.17 12.99 25.30
C ALA A 227 27.67 11.56 25.55
N MET A 228 26.68 11.12 24.77
CA MET A 228 26.11 9.77 24.95
C MET A 228 27.04 8.68 24.43
N LYS A 229 26.87 7.47 24.96
CA LYS A 229 27.66 6.32 24.54
C LYS A 229 27.56 6.10 23.03
N PRO A 230 28.64 5.59 22.42
CA PRO A 230 28.67 5.40 20.96
C PRO A 230 27.70 4.36 20.44
N ASP A 231 27.17 3.49 21.32
CA ASP A 231 26.18 2.49 20.94
C ASP A 231 24.85 2.70 21.69
N SER A 232 24.59 3.95 22.09
CA SER A 232 23.38 4.28 22.84
C SER A 232 22.15 4.35 21.95
N LEU A 233 21.00 4.16 22.57
CA LEU A 233 19.71 4.38 21.91
C LEU A 233 19.02 5.59 22.54
N PHE A 234 18.81 6.63 21.74
CA PHE A 234 18.04 7.81 22.16
C PHE A 234 16.58 7.68 21.74
N VAL A 235 15.67 7.85 22.71
CA VAL A 235 14.25 7.68 22.47
C VAL A 235 13.48 8.97 22.76
N ASN A 236 12.73 9.45 21.77
CA ASN A 236 11.85 10.59 22.00
C ASN A 236 10.44 10.35 21.49
N THR A 237 9.53 10.11 22.43
CA THR A 237 8.11 9.92 22.14
C THR A 237 7.26 11.09 22.67
N SER A 238 7.94 12.14 23.13
CA SER A 238 7.26 13.28 23.76
C SER A 238 6.98 14.47 22.85
N ARG A 239 8.02 15.27 22.58
CA ARG A 239 7.94 16.36 21.60
C ARG A 239 9.35 16.55 21.06
N ALA A 240 9.47 16.69 19.75
CA ALA A 240 10.77 16.85 19.11
C ALA A 240 11.47 18.15 19.54
N GLU A 241 10.69 19.15 19.92
CA GLU A 241 11.20 20.49 20.24
C GLU A 241 11.90 20.56 21.62
N LEU A 242 11.89 19.45 22.35
CA LEU A 242 12.70 19.30 23.56
C LEU A 242 14.18 19.27 23.20
N VAL A 243 14.46 18.92 21.95
CA VAL A 243 15.82 18.78 21.47
C VAL A 243 16.17 19.95 20.53
N GLU A 244 17.34 20.53 20.76
CA GLU A 244 17.93 21.56 19.89
C GLU A 244 17.70 21.20 18.42
N SER A 245 17.26 22.19 17.64
CA SER A 245 16.85 21.98 16.26
C SER A 245 17.96 21.40 15.38
N GLY A 246 17.62 20.35 14.65
CA GLY A 246 18.56 19.65 13.75
C GLY A 246 19.69 18.91 14.44
N ALA A 247 19.72 18.95 15.78
CA ALA A 247 20.78 18.30 16.54
C ALA A 247 20.72 16.78 16.44
N LEU A 248 19.51 16.21 16.48
CA LEU A 248 19.39 14.76 16.37
C LEU A 248 19.92 14.26 15.04
N TYR A 249 19.42 14.81 13.93
CA TYR A 249 19.88 14.40 12.61
C TYR A 249 21.41 14.43 12.47
N SER A 250 22.01 15.55 12.90
CA SER A 250 23.45 15.78 12.81
C SER A 250 24.26 14.69 13.50
N VAL A 251 23.91 14.39 14.75
CA VAL A 251 24.61 13.38 15.56
C VAL A 251 24.42 11.95 15.01
N MET A 252 23.21 11.62 14.60
CA MET A 252 22.90 10.30 14.08
C MET A 252 23.60 10.02 12.75
N GLN A 253 23.67 11.04 11.90
CA GLN A 253 24.39 10.99 10.62
C GLN A 253 25.88 10.70 10.79
N ALA A 254 26.49 11.31 11.80
CA ALA A 254 27.94 11.22 12.05
C ALA A 254 28.37 9.88 12.66
N ASN A 255 27.43 9.17 13.27
CA ASN A 255 27.75 7.94 13.97
C ASN A 255 26.72 6.83 13.70
N PRO A 256 26.99 5.99 12.68
CA PRO A 256 26.09 4.86 12.42
C PRO A 256 26.12 3.77 13.50
N MET A 257 27.01 3.87 14.48
CA MET A 257 27.10 2.90 15.59
C MET A 257 25.97 3.09 16.59
N ARG A 258 25.46 4.31 16.70
CA ARG A 258 24.39 4.61 17.65
C ARG A 258 23.03 4.62 16.95
N GLN A 259 21.97 4.57 17.73
CA GLN A 259 20.62 4.54 17.19
C GLN A 259 19.66 5.47 17.91
N ALA A 260 18.55 5.77 17.26
CA ALA A 260 17.48 6.53 17.89
C ALA A 260 16.14 5.95 17.47
N ALA A 261 15.15 6.15 18.33
CA ALA A 261 13.77 5.76 18.06
C ALA A 261 12.90 6.96 18.37
N VAL A 262 12.18 7.45 17.34
CA VAL A 262 11.33 8.63 17.50
C VAL A 262 9.88 8.42 17.02
N ASP A 263 8.95 9.09 17.69
CA ASP A 263 7.52 9.03 17.39
C ASP A 263 7.01 10.41 17.00
N VAL A 264 7.81 11.43 17.31
CA VAL A 264 7.42 12.82 17.12
C VAL A 264 8.49 13.61 16.37
N TYR A 265 8.08 14.66 15.68
CA TYR A 265 8.96 15.45 14.80
C TYR A 265 8.63 16.95 14.90
N GLU A 266 9.54 17.79 14.43
CA GLU A 266 9.34 19.25 14.43
C GLU A 266 8.13 19.68 13.58
N ASN A 267 7.94 19.00 12.45
CA ASN A 267 6.79 19.23 11.58
C ASN A 267 6.11 17.91 11.25
N GLU A 268 4.82 17.84 11.56
CA GLU A 268 4.04 16.65 11.30
C GLU A 268 2.82 16.96 10.43
N PRO A 269 2.47 16.08 9.48
CA PRO A 269 3.16 14.87 9.03
C PRO A 269 4.61 15.12 8.65
N ALA A 270 5.48 14.21 9.10
CA ALA A 270 6.86 14.17 8.70
C ALA A 270 6.97 13.15 7.59
N LEU A 271 7.48 13.56 6.45
CA LEU A 271 7.59 12.68 5.29
C LEU A 271 9.04 12.72 4.79
N PRO A 272 9.45 11.71 3.99
CA PRO A 272 10.84 11.69 3.51
C PRO A 272 11.27 13.02 2.87
N ASN A 273 10.36 13.68 2.17
CA ASN A 273 10.70 14.94 1.49
C ASN A 273 10.92 16.14 2.44
N ASN A 274 10.38 16.06 3.66
CA ASN A 274 10.55 17.15 4.63
C ASN A 274 11.25 16.79 5.95
N GLU A 275 11.63 15.52 6.10
CA GLU A 275 12.22 15.04 7.35
C GLU A 275 13.47 14.19 7.09
N PRO A 276 14.66 14.78 7.29
CA PRO A 276 15.98 14.14 7.07
C PRO A 276 16.27 12.91 7.93
N LEU A 277 15.63 12.82 9.09
CA LEU A 277 15.78 11.64 9.94
C LEU A 277 15.30 10.37 9.24
N LEU A 278 14.37 10.52 8.30
CA LEU A 278 13.84 9.36 7.59
C LEU A 278 14.84 8.76 6.59
N SER A 279 15.94 9.45 6.36
CA SER A 279 16.95 8.97 5.41
C SER A 279 18.06 8.17 6.10
N LEU A 280 18.00 8.06 7.42
CA LEU A 280 19.07 7.39 8.17
C LEU A 280 18.68 5.99 8.63
N PRO A 281 19.51 4.97 8.30
CA PRO A 281 19.23 3.58 8.65
C PRO A 281 19.31 3.31 10.16
N ASN A 282 19.98 4.18 10.89
CA ASN A 282 20.13 4.00 12.33
C ASN A 282 19.08 4.75 13.16
N VAL A 283 18.06 5.29 12.48
CA VAL A 283 16.94 5.93 13.18
C VAL A 283 15.65 5.19 12.85
N LEU A 284 14.99 4.68 13.88
CA LEU A 284 13.66 4.11 13.74
C LEU A 284 12.63 5.24 13.89
N CYS A 285 11.86 5.47 12.84
CA CYS A 285 10.85 6.53 12.82
C CYS A 285 9.43 5.93 12.79
N ALA A 286 8.61 6.33 13.75
CA ALA A 286 7.20 5.94 13.80
C ALA A 286 6.31 7.17 13.62
N PRO A 287 5.14 7.01 12.98
CA PRO A 287 4.28 8.15 12.60
C PRO A 287 3.33 8.64 13.71
N HIS A 288 3.92 9.19 14.76
CA HIS A 288 3.20 9.68 15.94
C HIS A 288 2.14 8.71 16.39
N LEU A 289 2.56 7.48 16.69
CA LEU A 289 1.64 6.37 17.00
C LEU A 289 1.34 6.08 18.46
N GLY A 290 1.76 6.99 19.34
CA GLY A 290 1.64 6.81 20.81
C GLY A 290 0.24 6.61 21.38
N TYR A 291 -0.72 7.35 20.85
CA TYR A 291 -2.11 7.32 21.37
C TYR A 291 -2.99 6.74 20.26
N VAL A 292 -2.42 6.47 19.10
CA VAL A 292 -3.16 5.92 17.96
C VAL A 292 -3.34 4.42 18.13
N GLU A 293 -4.46 4.03 18.74
CA GLU A 293 -4.72 2.64 19.09
C GLU A 293 -6.22 2.40 19.37
N LYS A 294 -6.67 1.17 19.20
CA LYS A 294 -8.09 0.82 19.27
C LYS A 294 -8.79 1.25 20.58
N ASN A 295 -8.24 0.89 21.73
CA ASN A 295 -8.82 1.25 23.02
C ASN A 295 -8.73 2.74 23.30
N SER A 296 -7.59 3.32 22.94
CA SER A 296 -7.36 4.75 23.10
C SER A 296 -8.42 5.53 22.32
N TYR A 297 -8.58 5.18 21.04
CA TYR A 297 -9.61 5.80 20.19
C TYR A 297 -11.04 5.66 20.72
N GLU A 298 -11.45 4.44 21.03
CA GLU A 298 -12.81 4.19 21.53
C GLU A 298 -13.09 5.04 22.76
N ILE A 299 -12.13 5.06 23.69
CA ILE A 299 -12.23 5.89 24.90
C ILE A 299 -12.26 7.38 24.58
N TYR A 300 -11.33 7.84 23.74
CA TYR A 300 -11.28 9.24 23.32
C TYR A 300 -12.59 9.68 22.67
N PHE A 301 -13.03 8.92 21.67
CA PHE A 301 -14.18 9.33 20.88
C PHE A 301 -15.53 9.03 21.53
N GLN A 302 -15.59 8.03 22.42
CA GLN A 302 -16.80 7.83 23.22
C GLN A 302 -17.10 9.10 24.02
N ALA A 303 -16.10 9.59 24.73
CA ALA A 303 -16.23 10.83 25.51
C ALA A 303 -16.52 12.02 24.60
N ALA A 304 -15.72 12.18 23.56
CA ALA A 304 -15.86 13.31 22.61
C ALA A 304 -17.22 13.33 21.93
N PHE A 305 -17.67 12.18 21.43
CA PHE A 305 -18.99 12.10 20.76
C PHE A 305 -20.16 12.23 21.74
N GLU A 306 -20.04 11.68 22.95
CA GLU A 306 -21.09 11.87 23.97
C GLU A 306 -21.23 13.34 24.33
N ASN A 307 -20.09 14.03 24.39
CA ASN A 307 -20.10 15.48 24.60
C ASN A 307 -20.88 16.22 23.52
N VAL A 308 -20.72 15.81 22.27
CA VAL A 308 -21.52 16.34 21.18
C VAL A 308 -23.02 16.12 21.45
N VAL A 309 -23.38 14.89 21.78
CA VAL A 309 -24.75 14.51 22.15
C VAL A 309 -25.28 15.35 23.31
N LYS A 310 -24.51 15.46 24.39
CA LYS A 310 -24.86 16.30 25.55
C LYS A 310 -25.16 17.74 25.10
N PHE A 311 -24.25 18.29 24.31
CA PHE A 311 -24.41 19.63 23.73
C PHE A 311 -25.62 19.75 22.80
N ALA A 312 -25.84 18.72 21.97
CA ALA A 312 -27.00 18.71 21.06
C ALA A 312 -28.34 18.84 21.78
N HIS A 313 -28.40 18.31 23.00
CA HIS A 313 -29.62 18.33 23.84
C HIS A 313 -29.77 19.58 24.67
N SER A 314 -28.69 20.33 24.84
CA SER A 314 -28.63 21.44 25.81
C SER A 314 -29.66 22.56 25.56
N MET B 1 -14.45 -33.65 2.11
CA MET B 1 -14.65 -34.66 1.03
C MET B 1 -13.46 -34.71 0.08
N MET B 2 -12.75 -33.60 -0.03
CA MET B 2 -11.59 -33.49 -0.92
C MET B 2 -10.70 -32.30 -0.53
N LYS B 3 -9.40 -32.57 -0.35
CA LYS B 3 -8.42 -31.50 -0.09
C LYS B 3 -8.07 -30.72 -1.35
N ILE B 4 -8.43 -29.44 -1.34
CA ILE B 4 -8.36 -28.59 -2.53
C ILE B 4 -7.38 -27.43 -2.34
N ALA B 5 -6.56 -27.18 -3.36
CA ALA B 5 -5.72 -25.99 -3.38
C ALA B 5 -6.07 -25.08 -4.56
N ILE B 6 -6.29 -23.81 -4.26
CA ILE B 6 -6.50 -22.80 -5.28
C ILE B 6 -5.22 -21.97 -5.33
N LEU B 7 -4.53 -22.01 -6.47
CA LEU B 7 -3.24 -21.37 -6.61
C LEU B 7 -3.33 -19.97 -7.18
N ASP B 8 -2.40 -19.10 -6.77
CA ASP B 8 -2.11 -17.84 -7.46
C ASP B 8 -3.15 -16.76 -7.32
N ASP B 9 -3.89 -16.76 -6.21
CA ASP B 9 -4.89 -15.72 -5.97
C ASP B 9 -4.20 -14.50 -5.36
N TYR B 10 -3.55 -13.71 -6.21
CA TYR B 10 -2.64 -12.67 -5.75
C TYR B 10 -3.27 -11.68 -4.77
N GLN B 11 -4.44 -11.15 -5.11
CA GLN B 11 -5.15 -10.21 -4.22
C GLN B 11 -5.98 -10.86 -3.12
N ASN B 12 -5.99 -12.19 -3.05
CA ASN B 12 -6.85 -12.93 -2.10
C ASN B 12 -8.34 -12.63 -2.26
N VAL B 13 -8.85 -12.72 -3.49
CA VAL B 13 -10.21 -12.26 -3.77
C VAL B 13 -11.20 -13.41 -3.97
N VAL B 14 -10.67 -14.60 -4.23
CA VAL B 14 -11.49 -15.77 -4.56
C VAL B 14 -12.47 -16.14 -3.43
N ARG B 15 -11.99 -16.11 -2.18
CA ARG B 15 -12.84 -16.47 -1.04
C ARG B 15 -14.06 -15.58 -0.91
N GLY B 16 -13.92 -14.34 -1.38
CA GLY B 16 -14.99 -13.36 -1.29
C GLY B 16 -15.96 -13.42 -2.46
N LEU B 17 -15.73 -14.34 -3.40
CA LEU B 17 -16.66 -14.52 -4.52
C LEU B 17 -17.90 -15.26 -4.02
N ASN B 18 -19.06 -14.95 -4.59
CA ASN B 18 -20.27 -15.72 -4.31
C ASN B 18 -20.11 -17.19 -4.66
N ALA B 19 -19.33 -17.43 -5.72
CA ALA B 19 -19.02 -18.77 -6.22
C ALA B 19 -18.31 -19.66 -5.20
N PHE B 20 -17.66 -19.04 -4.20
CA PHE B 20 -16.91 -19.80 -3.21
C PHE B 20 -17.80 -20.70 -2.34
N GLN B 21 -19.04 -20.26 -2.12
CA GLN B 21 -20.05 -21.05 -1.40
C GLN B 21 -20.28 -22.44 -2.01
N CYS B 22 -19.95 -22.61 -3.30
CA CYS B 22 -19.99 -23.91 -3.97
C CYS B 22 -19.04 -24.96 -3.36
N LEU B 23 -18.15 -24.52 -2.46
CA LEU B 23 -17.15 -25.39 -1.84
C LEU B 23 -17.42 -25.62 -0.34
N GLN B 24 -18.64 -25.35 0.10
CA GLN B 24 -19.04 -25.64 1.48
C GLN B 24 -18.91 -27.14 1.72
N GLY B 25 -18.23 -27.49 2.82
CA GLY B 25 -18.01 -28.90 3.17
C GLY B 25 -16.77 -29.49 2.53
N HIS B 26 -15.90 -28.64 2.01
CA HIS B 26 -14.63 -29.09 1.45
C HIS B 26 -13.46 -28.48 2.18
N ASP B 27 -12.31 -29.15 2.13
CA ASP B 27 -11.10 -28.66 2.77
C ASP B 27 -10.30 -27.84 1.75
N VAL B 28 -10.36 -26.51 1.92
CA VAL B 28 -9.85 -25.57 0.91
C VAL B 28 -8.69 -24.72 1.46
N THR B 29 -7.63 -24.65 0.66
CA THR B 29 -6.49 -23.78 0.97
C THR B 29 -6.19 -22.91 -0.25
N VAL B 30 -6.00 -21.62 -0.03
CA VAL B 30 -5.69 -20.69 -1.12
C VAL B 30 -4.29 -20.12 -0.95
N PHE B 31 -3.49 -20.18 -2.02
CA PHE B 31 -2.19 -19.54 -2.02
C PHE B 31 -2.21 -18.22 -2.80
N ASN B 32 -1.51 -17.21 -2.30
CA ASN B 32 -1.53 -15.90 -2.92
C ASN B 32 -0.18 -15.38 -3.38
N ASP B 33 0.86 -16.15 -3.11
CA ASP B 33 2.19 -15.82 -3.63
C ASP B 33 2.38 -16.48 -5.00
N SER B 34 3.61 -16.52 -5.48
CA SER B 34 3.93 -17.07 -6.78
C SER B 34 5.25 -17.81 -6.75
N VAL B 35 5.17 -19.14 -6.79
CA VAL B 35 6.34 -20.00 -6.73
C VAL B 35 6.73 -20.47 -8.14
N SER B 36 7.98 -20.23 -8.50
CA SER B 36 8.54 -20.68 -9.78
C SER B 36 9.24 -22.03 -9.61
N ASP B 37 10.03 -22.13 -8.54
CA ASP B 37 10.79 -23.32 -8.17
C ASP B 37 9.90 -24.55 -7.98
N GLU B 38 10.01 -25.51 -8.89
CA GLU B 38 9.15 -26.70 -8.87
C GLU B 38 9.34 -27.60 -7.66
N THR B 39 10.58 -27.71 -7.17
CA THR B 39 10.86 -28.50 -5.97
C THR B 39 10.08 -27.94 -4.77
N VAL B 40 10.02 -26.61 -4.66
CA VAL B 40 9.21 -25.96 -3.64
C VAL B 40 7.73 -26.27 -3.87
N LEU B 41 7.27 -26.06 -5.11
CA LEU B 41 5.88 -26.30 -5.48
C LEU B 41 5.45 -27.75 -5.23
N ILE B 42 6.28 -28.71 -5.63
CA ILE B 42 6.03 -30.13 -5.39
C ILE B 42 5.73 -30.40 -3.93
N GLU B 43 6.55 -29.82 -3.04
CA GLU B 43 6.40 -30.00 -1.59
C GLU B 43 5.11 -29.37 -1.07
N ARG B 44 4.89 -28.12 -1.46
CA ARG B 44 3.67 -27.39 -1.11
C ARG B 44 2.42 -28.18 -1.46
N LEU B 45 2.40 -28.75 -2.67
CA LEU B 45 1.16 -29.32 -3.24
C LEU B 45 0.88 -30.81 -2.98
N LYS B 46 1.86 -31.52 -2.43
CA LYS B 46 1.73 -32.96 -2.17
C LYS B 46 0.42 -33.41 -1.51
N PRO B 47 -0.02 -32.73 -0.41
CA PRO B 47 -1.21 -33.22 0.31
C PRO B 47 -2.54 -33.07 -0.43
N PHE B 48 -2.57 -32.29 -1.52
CA PHE B 48 -3.84 -31.94 -2.15
C PHE B 48 -4.31 -32.97 -3.18
N GLU B 49 -5.61 -33.24 -3.15
CA GLU B 49 -6.24 -34.16 -4.10
C GLU B 49 -6.68 -33.41 -5.35
N ALA B 50 -7.17 -32.19 -5.18
CA ALA B 50 -7.58 -31.35 -6.30
C ALA B 50 -6.86 -30.00 -6.29
N LEU B 51 -6.51 -29.52 -7.49
CA LEU B 51 -6.09 -28.14 -7.70
C LEU B 51 -7.09 -27.40 -8.57
N VAL B 52 -7.39 -26.16 -8.17
CA VAL B 52 -8.05 -25.17 -9.05
C VAL B 52 -6.97 -24.22 -9.59
N LEU B 53 -6.84 -24.17 -10.92
CA LEU B 53 -5.87 -23.29 -11.56
C LEU B 53 -6.52 -21.98 -12.01
N ILE B 54 -5.77 -20.89 -11.87
CA ILE B 54 -6.23 -19.60 -12.37
C ILE B 54 -5.57 -19.33 -13.72
N ARG B 55 -6.34 -19.54 -14.79
CA ARG B 55 -5.85 -19.42 -16.17
CA ARG B 55 -5.83 -19.41 -16.16
C ARG B 55 -4.45 -20.06 -16.34
N GLU B 56 -3.46 -19.28 -16.77
CA GLU B 56 -2.14 -19.82 -17.09
C GLU B 56 -1.03 -19.50 -16.07
N ARG B 57 -1.43 -19.11 -14.86
CA ARG B 57 -0.48 -18.60 -13.87
C ARG B 57 0.54 -19.63 -13.40
N THR B 58 0.15 -20.91 -13.41
CA THR B 58 1.06 -21.99 -13.08
C THR B 58 1.02 -23.07 -14.17
N PRO B 59 2.20 -23.43 -14.70
CA PRO B 59 2.23 -24.52 -15.69
C PRO B 59 2.20 -25.89 -15.02
N ILE B 60 1.57 -26.86 -15.68
CA ILE B 60 1.57 -28.23 -15.18
C ILE B 60 2.54 -29.05 -16.02
N THR B 61 3.78 -29.14 -15.55
CA THR B 61 4.83 -29.88 -16.25
C THR B 61 4.79 -31.34 -15.84
N GLU B 62 5.51 -32.19 -16.58
CA GLU B 62 5.56 -33.61 -16.26
C GLU B 62 6.23 -33.84 -14.92
N ASN B 63 7.34 -33.14 -14.68
CA ASN B 63 8.02 -33.20 -13.37
C ASN B 63 7.09 -32.91 -12.21
N LEU B 64 6.09 -32.07 -12.43
CA LEU B 64 5.12 -31.72 -11.39
C LEU B 64 4.15 -32.87 -11.13
N LEU B 65 3.50 -33.35 -12.20
CA LEU B 65 2.55 -34.46 -12.10
C LEU B 65 3.21 -35.73 -11.54
N ALA B 66 4.43 -35.98 -11.99
CA ALA B 66 5.17 -37.19 -11.61
C ALA B 66 5.48 -37.24 -10.12
N HIS B 67 5.41 -36.10 -9.44
CA HIS B 67 5.71 -36.03 -8.02
C HIS B 67 4.55 -35.59 -7.16
N LEU B 68 3.35 -35.62 -7.72
CA LEU B 68 2.12 -35.34 -6.96
C LEU B 68 1.20 -36.56 -6.95
N PRO B 69 1.52 -37.57 -6.11
CA PRO B 69 0.83 -38.85 -6.18
C PRO B 69 -0.60 -38.80 -5.66
N ASN B 70 -0.91 -37.81 -4.83
CA ASN B 70 -2.25 -37.67 -4.28
C ASN B 70 -3.20 -36.93 -5.23
N LEU B 71 -2.65 -36.30 -6.26
CA LEU B 71 -3.43 -35.47 -7.18
C LEU B 71 -4.42 -36.28 -8.02
N LYS B 72 -5.71 -36.00 -7.83
CA LYS B 72 -6.78 -36.69 -8.55
C LYS B 72 -7.43 -35.81 -9.63
N LEU B 73 -7.46 -34.50 -9.38
CA LEU B 73 -8.21 -33.56 -10.22
C LEU B 73 -7.52 -32.22 -10.42
N ILE B 74 -7.49 -31.76 -11.67
CA ILE B 74 -7.20 -30.36 -11.98
C ILE B 74 -8.48 -29.71 -12.55
N SER B 75 -9.03 -28.76 -11.83
CA SER B 75 -10.18 -28.00 -12.32
C SER B 75 -9.69 -26.66 -12.86
N GLN B 76 -9.79 -26.52 -14.18
CA GLN B 76 -9.31 -25.34 -14.89
C GLN B 76 -10.37 -24.24 -14.93
N THR B 77 -9.96 -23.02 -14.59
CA THR B 77 -10.78 -21.84 -14.87
C THR B 77 -10.62 -21.51 -16.34
N GLY B 78 -11.75 -21.38 -17.04
CA GLY B 78 -11.75 -21.26 -18.49
C GLY B 78 -11.34 -22.56 -19.17
N LYS B 79 -10.74 -22.44 -20.36
CA LYS B 79 -10.35 -23.61 -21.14
C LYS B 79 -8.86 -23.88 -20.99
N VAL B 80 -8.47 -25.13 -21.24
CA VAL B 80 -7.06 -25.53 -21.20
C VAL B 80 -6.23 -24.71 -22.19
N SER B 81 -4.93 -24.60 -21.94
CA SER B 81 -4.09 -23.76 -22.76
C SER B 81 -2.64 -24.23 -22.80
N ASN B 82 -1.73 -23.32 -23.13
CA ASN B 82 -0.30 -23.61 -23.25
C ASN B 82 0.36 -24.17 -21.98
N HIS B 83 -0.24 -23.84 -20.83
CA HIS B 83 0.30 -24.25 -19.54
C HIS B 83 0.01 -25.69 -19.15
N ILE B 84 -0.84 -26.37 -19.91
CA ILE B 84 -1.33 -27.71 -19.50
C ILE B 84 -1.60 -28.69 -20.66
N ASP B 85 -1.12 -29.93 -20.48
CA ASP B 85 -1.25 -30.99 -21.47
C ASP B 85 -2.14 -32.11 -20.89
N VAL B 86 -3.38 -32.19 -21.38
CA VAL B 86 -4.41 -33.06 -20.79
C VAL B 86 -4.14 -34.58 -20.87
N PRO B 87 -3.73 -35.10 -22.05
CA PRO B 87 -3.37 -36.53 -22.07
C PRO B 87 -2.14 -36.86 -21.23
N LEU B 88 -1.25 -35.89 -21.04
CA LEU B 88 -0.11 -36.05 -20.14
C LEU B 88 -0.60 -36.18 -18.71
N CYS B 89 -1.54 -35.31 -18.33
CA CYS B 89 -2.19 -35.36 -17.02
C CYS B 89 -2.90 -36.70 -16.81
N GLU B 90 -3.64 -37.14 -17.82
CA GLU B 90 -4.36 -38.41 -17.80
C GLU B 90 -3.42 -39.60 -17.68
N ARG B 91 -2.27 -39.52 -18.35
CA ARG B 91 -1.23 -40.55 -18.28
C ARG B 91 -0.77 -40.82 -16.85
N TYR B 92 -0.85 -39.78 -16.00
CA TYR B 92 -0.53 -39.89 -14.57
C TYR B 92 -1.77 -40.02 -13.69
N GLY B 93 -2.89 -40.37 -14.30
CA GLY B 93 -4.15 -40.61 -13.57
C GLY B 93 -4.82 -39.37 -13.01
N VAL B 94 -4.56 -38.22 -13.63
CA VAL B 94 -5.17 -36.95 -13.18
C VAL B 94 -6.26 -36.49 -14.16
N THR B 95 -7.45 -36.24 -13.63
CA THR B 95 -8.58 -35.75 -14.42
C THR B 95 -8.53 -34.22 -14.58
N VAL B 96 -8.57 -33.76 -15.83
CA VAL B 96 -8.65 -32.32 -16.09
C VAL B 96 -10.08 -31.96 -16.50
N LEU B 97 -10.69 -31.05 -15.75
CA LEU B 97 -11.97 -30.48 -16.13
C LEU B 97 -11.79 -29.00 -16.41
N GLU B 98 -12.35 -28.53 -17.53
CA GLU B 98 -12.29 -27.13 -17.89
C GLU B 98 -13.63 -26.45 -17.68
N GLY B 99 -13.58 -25.14 -17.40
CA GLY B 99 -14.79 -24.36 -17.17
C GLY B 99 -15.09 -23.46 -18.34
N ILE B 100 -16.13 -22.63 -18.20
CA ILE B 100 -16.48 -21.69 -19.24
C ILE B 100 -15.77 -20.35 -19.02
N GLY B 101 -15.35 -19.72 -20.13
CA GLY B 101 -14.70 -18.42 -20.08
C GLY B 101 -15.61 -17.25 -20.43
N SER B 102 -15.02 -16.08 -20.63
CA SER B 102 -15.76 -14.87 -21.01
C SER B 102 -14.83 -13.86 -21.70
N PRO B 103 -15.25 -13.34 -22.88
CA PRO B 103 -14.41 -12.35 -23.57
C PRO B 103 -14.68 -10.90 -23.14
N VAL B 104 -15.69 -10.68 -22.29
CA VAL B 104 -16.15 -9.33 -21.97
C VAL B 104 -15.11 -8.49 -21.22
N ALA B 105 -14.62 -9.01 -20.10
CA ALA B 105 -13.63 -8.29 -19.30
C ALA B 105 -12.32 -8.01 -20.06
N PRO B 106 -11.77 -9.01 -20.78
CA PRO B 106 -10.54 -8.74 -21.54
C PRO B 106 -10.66 -7.62 -22.58
N ALA B 107 -11.76 -7.60 -23.33
CA ALA B 107 -11.97 -6.55 -24.33
C ALA B 107 -12.07 -5.16 -23.71
N GLU B 108 -12.82 -5.05 -22.60
CA GLU B 108 -12.96 -3.77 -21.91
C GLU B 108 -11.61 -3.27 -21.38
N LEU B 109 -10.86 -4.17 -20.76
CA LEU B 109 -9.55 -3.87 -20.22
C LEU B 109 -8.58 -3.41 -21.33
N CYS B 110 -8.57 -4.14 -22.44
CA CYS B 110 -7.77 -3.75 -23.60
C CYS B 110 -8.13 -2.33 -24.01
N TRP B 111 -9.43 -2.04 -24.11
CA TRP B 111 -9.88 -0.70 -24.46
C TRP B 111 -9.49 0.35 -23.46
N SER B 112 -9.50 0.00 -22.17
CA SER B 112 -9.13 0.99 -21.15
C SER B 112 -7.65 1.35 -21.24
N LEU B 113 -6.81 0.39 -21.61
CA LEU B 113 -5.37 0.63 -21.76
C LEU B 113 -5.08 1.49 -22.98
N ILE B 114 -5.88 1.30 -24.02
CA ILE B 114 -5.77 2.05 -25.27
C ILE B 114 -6.05 3.53 -25.02
N LEU B 115 -7.12 3.80 -24.27
CA LEU B 115 -7.49 5.17 -23.91
C LEU B 115 -6.48 5.76 -22.92
N ALA B 116 -6.10 4.98 -21.90
CA ALA B 116 -5.18 5.45 -20.88
C ALA B 116 -3.82 5.82 -21.46
N ALA B 117 -3.32 4.97 -22.37
CA ALA B 117 -2.07 5.23 -23.07
C ALA B 117 -2.20 6.46 -23.96
N SER B 118 -3.23 6.49 -24.81
CA SER B 118 -3.50 7.62 -25.72
C SER B 118 -3.58 8.97 -25.01
N ARG B 119 -4.04 8.98 -23.76
CA ARG B 119 -4.18 10.23 -23.00
C ARG B 119 -3.19 10.40 -21.83
N HIS B 120 -2.27 9.44 -21.66
CA HIS B 120 -1.27 9.46 -20.59
C HIS B 120 -1.89 9.67 -19.24
N LEU B 121 -3.04 9.01 -19.03
CA LEU B 121 -3.86 9.17 -17.83
C LEU B 121 -3.20 8.80 -16.49
N PRO B 122 -2.61 7.58 -16.38
CA PRO B 122 -1.99 7.21 -15.11
C PRO B 122 -0.88 8.18 -14.70
N SER B 123 -0.11 8.68 -15.68
CA SER B 123 0.98 9.62 -15.41
C SER B 123 0.45 10.96 -14.94
N TYR B 124 -0.62 11.44 -15.57
CA TYR B 124 -1.27 12.68 -15.16
C TYR B 124 -1.80 12.58 -13.74
N ILE B 125 -2.37 11.43 -13.39
CA ILE B 125 -2.94 11.21 -12.04
C ILE B 125 -1.85 11.20 -10.97
N GLU B 126 -0.80 10.42 -11.22
CA GLU B 126 0.37 10.37 -10.34
C GLU B 126 0.93 11.77 -10.08
N GLN B 127 1.14 12.53 -11.15
CA GLN B 127 1.66 13.89 -11.04
C GLN B 127 0.77 14.84 -10.25
N LEU B 128 -0.54 14.73 -10.46
CA LEU B 128 -1.53 15.51 -9.73
C LEU B 128 -1.42 15.23 -8.24
N HIS B 129 -1.31 13.95 -7.88
CA HIS B 129 -1.16 13.56 -6.48
C HIS B 129 0.13 13.99 -5.85
N ALA B 130 1.18 14.19 -6.65
CA ALA B 130 2.44 14.70 -6.13
C ALA B 130 2.48 16.25 -6.08
N GLY B 131 1.39 16.89 -6.54
CA GLY B 131 1.25 18.34 -6.49
C GLY B 131 1.71 19.08 -7.72
N HIS B 132 1.76 18.39 -8.86
CA HIS B 132 2.17 18.99 -10.14
C HIS B 132 1.00 18.99 -11.09
N TRP B 133 0.31 20.14 -11.18
CA TRP B 133 -0.93 20.25 -11.92
C TRP B 133 -0.79 20.12 -13.42
N GLN B 134 -1.43 19.09 -13.97
CA GLN B 134 -1.47 18.84 -15.42
C GLN B 134 -0.06 18.58 -15.99
N GLN B 135 0.67 17.71 -15.32
CA GLN B 135 1.95 17.20 -15.81
C GLN B 135 1.81 15.69 -15.89
N ASN B 136 2.66 15.06 -16.71
CA ASN B 136 2.58 13.61 -16.92
C ASN B 136 3.96 12.95 -17.06
N GLY B 137 4.99 13.61 -16.53
CA GLY B 137 6.36 13.11 -16.66
C GLY B 137 6.96 13.39 -18.03
N GLY B 138 6.46 14.42 -18.71
CA GLY B 138 7.04 14.83 -19.99
C GLY B 138 6.59 14.00 -21.19
N LEU B 139 5.41 13.40 -21.09
CA LEU B 139 4.87 12.61 -22.18
C LEU B 139 4.12 13.47 -23.21
N GLY B 140 3.87 14.73 -22.86
CA GLY B 140 3.25 15.68 -23.80
C GLY B 140 1.74 15.56 -23.85
N LEU B 141 1.15 16.13 -24.91
CA LEU B 141 -0.31 16.10 -25.08
C LEU B 141 -0.75 14.72 -25.47
N GLY B 142 -1.91 14.31 -24.97
CA GLY B 142 -2.54 13.08 -25.43
C GLY B 142 -3.14 13.25 -26.82
N ARG B 143 -3.74 12.19 -27.34
CA ARG B 143 -4.41 12.28 -28.63
C ARG B 143 -5.74 11.52 -28.60
N THR B 144 -6.66 11.95 -29.46
CA THR B 144 -7.94 11.26 -29.63
C THR B 144 -7.81 10.07 -30.56
N LEU B 145 -8.71 9.12 -30.40
CA LEU B 145 -8.73 7.93 -31.26
C LEU B 145 -9.53 8.16 -32.53
N SER B 146 -10.50 9.08 -32.47
CA SER B 146 -11.40 9.37 -33.59
C SER B 146 -10.62 9.66 -34.87
N GLY B 147 -10.93 8.92 -35.94
CA GLY B 147 -10.29 9.13 -37.24
C GLY B 147 -8.92 8.48 -37.43
N ARG B 148 -8.37 7.92 -36.35
CA ARG B 148 -7.15 7.13 -36.42
C ARG B 148 -7.50 5.70 -36.75
N THR B 149 -6.67 5.05 -37.56
CA THR B 149 -6.93 3.66 -37.98
C THR B 149 -6.60 2.67 -36.87
N LEU B 150 -7.59 1.88 -36.47
CA LEU B 150 -7.39 0.78 -35.53
C LEU B 150 -7.04 -0.49 -36.29
N GLY B 151 -5.82 -0.98 -36.08
CA GLY B 151 -5.37 -2.23 -36.69
C GLY B 151 -5.51 -3.39 -35.73
N ILE B 152 -6.24 -4.42 -36.16
CA ILE B 152 -6.47 -5.61 -35.34
C ILE B 152 -5.92 -6.88 -36.00
N TRP B 153 -5.04 -7.57 -35.27
CA TRP B 153 -4.55 -8.88 -35.71
C TRP B 153 -5.19 -9.95 -34.88
N GLY B 154 -6.11 -10.69 -35.51
CA GLY B 154 -6.92 -11.73 -34.86
C GLY B 154 -8.35 -11.23 -34.68
N LEU B 155 -9.28 -11.76 -35.46
CA LEU B 155 -10.66 -11.32 -35.33
C LEU B 155 -11.56 -12.38 -34.66
N GLY B 156 -11.10 -12.88 -33.52
CA GLY B 156 -11.93 -13.75 -32.68
C GLY B 156 -12.86 -12.95 -31.79
N LYS B 157 -13.35 -13.58 -30.73
CA LYS B 157 -14.36 -12.95 -29.87
C LYS B 157 -13.93 -11.62 -29.25
N ILE B 158 -12.66 -11.53 -28.83
CA ILE B 158 -12.16 -10.28 -28.26
C ILE B 158 -11.92 -9.25 -29.35
N GLY B 159 -11.17 -9.64 -30.40
CA GLY B 159 -10.86 -8.77 -31.54
C GLY B 159 -12.09 -8.11 -32.15
N GLN B 160 -13.18 -8.85 -32.21
CA GLN B 160 -14.45 -8.36 -32.76
C GLN B 160 -15.07 -7.27 -31.90
N ARG B 161 -15.02 -7.44 -30.58
CA ARG B 161 -15.51 -6.44 -29.66
C ARG B 161 -14.65 -5.18 -29.72
N ILE B 162 -13.34 -5.37 -29.78
CA ILE B 162 -12.38 -4.26 -29.94
C ILE B 162 -12.67 -3.47 -31.22
N ALA B 163 -13.05 -4.17 -32.28
CA ALA B 163 -13.42 -3.53 -33.53
C ALA B 163 -14.71 -2.72 -33.39
N GLN B 164 -15.68 -3.25 -32.65
CA GLN B 164 -16.92 -2.54 -32.39
C GLN B 164 -16.66 -1.26 -31.60
N PHE B 165 -15.78 -1.34 -30.60
CA PHE B 165 -15.37 -0.16 -29.83
C PHE B 165 -14.74 0.86 -30.77
N GLY B 166 -13.76 0.40 -31.54
CA GLY B 166 -13.06 1.26 -32.50
C GLY B 166 -14.01 1.96 -33.44
N HIS B 167 -14.92 1.21 -34.05
CA HIS B 167 -15.88 1.80 -34.98
C HIS B 167 -16.67 2.92 -34.34
N VAL B 168 -17.18 2.66 -33.14
CA VAL B 168 -18.01 3.63 -32.43
C VAL B 168 -17.20 4.85 -31.98
N PHE B 169 -15.91 4.66 -31.70
CA PHE B 169 -15.03 5.79 -31.42
C PHE B 169 -14.58 6.51 -32.70
N GLY B 170 -15.18 6.15 -33.84
CA GLY B 170 -14.89 6.80 -35.13
C GLY B 170 -13.56 6.39 -35.75
N MET B 171 -13.15 5.14 -35.50
CA MET B 171 -11.89 4.61 -36.02
C MET B 171 -12.16 3.69 -37.21
N PRO B 172 -11.52 3.98 -38.37
CA PRO B 172 -11.45 3.00 -39.44
C PRO B 172 -10.80 1.71 -38.93
N ILE B 173 -11.39 0.57 -39.28
CA ILE B 173 -10.91 -0.73 -38.82
C ILE B 173 -10.18 -1.45 -39.96
N LEU B 174 -8.92 -1.80 -39.72
CA LEU B 174 -8.11 -2.54 -40.68
C LEU B 174 -7.60 -3.82 -40.03
N VAL B 175 -7.94 -4.96 -40.63
CA VAL B 175 -7.64 -6.27 -40.05
C VAL B 175 -6.55 -7.03 -40.81
N TRP B 176 -5.68 -7.71 -40.07
CA TRP B 176 -4.71 -8.65 -40.62
C TRP B 176 -4.81 -10.00 -39.93
N GLY B 177 -4.28 -11.03 -40.59
CA GLY B 177 -4.31 -12.39 -40.06
C GLY B 177 -4.49 -13.39 -41.19
N SER B 178 -5.16 -14.50 -40.88
CA SER B 178 -5.49 -15.51 -41.89
C SER B 178 -6.55 -15.01 -42.86
N GLU B 179 -6.73 -15.72 -43.97
CA GLU B 179 -7.78 -15.38 -44.93
C GLU B 179 -9.16 -15.47 -44.26
N ALA B 180 -9.28 -16.37 -43.30
CA ALA B 180 -10.50 -16.54 -42.51
C ALA B 180 -10.86 -15.26 -41.74
N SER B 181 -9.89 -14.72 -41.01
CA SER B 181 -10.07 -13.48 -40.26
C SER B 181 -10.39 -12.30 -41.17
N ARG B 182 -9.73 -12.25 -42.32
CA ARG B 182 -9.92 -11.13 -43.26
C ARG B 182 -11.24 -11.18 -44.00
N GLN B 183 -11.73 -12.40 -44.30
CA GLN B 183 -13.07 -12.55 -44.89
C GLN B 183 -14.12 -12.02 -43.95
N LYS B 184 -14.00 -12.42 -42.69
CA LYS B 184 -14.89 -11.99 -41.60
C LYS B 184 -14.85 -10.48 -41.49
N ALA B 185 -13.65 -9.91 -41.50
CA ALA B 185 -13.46 -8.46 -41.47
C ALA B 185 -14.31 -7.76 -42.53
N LEU B 186 -14.15 -8.19 -43.78
CA LEU B 186 -14.86 -7.53 -44.89
C LEU B 186 -16.34 -7.77 -44.78
N GLU B 187 -16.72 -8.96 -44.34
CA GLU B 187 -18.12 -9.32 -44.13
C GLU B 187 -18.79 -8.47 -43.05
N LEU B 188 -18.01 -8.09 -42.04
CA LEU B 188 -18.52 -7.23 -40.96
C LEU B 188 -18.52 -5.76 -41.38
N GLY B 189 -17.97 -5.48 -42.55
CA GLY B 189 -17.94 -4.12 -43.08
C GLY B 189 -16.65 -3.39 -42.79
N TYR B 190 -15.65 -4.12 -42.30
CA TYR B 190 -14.34 -3.54 -42.03
C TYR B 190 -13.46 -3.66 -43.26
N GLN B 191 -12.20 -3.25 -43.14
CA GLN B 191 -11.24 -3.39 -44.22
C GLN B 191 -10.16 -4.41 -43.85
N ALA B 192 -9.52 -4.97 -44.86
CA ALA B 192 -8.47 -5.96 -44.66
C ALA B 192 -7.16 -5.51 -45.31
N ALA B 193 -6.06 -5.67 -44.57
CA ALA B 193 -4.75 -5.38 -45.12
C ALA B 193 -4.43 -6.36 -46.24
N ALA B 194 -3.80 -5.84 -47.30
CA ALA B 194 -3.45 -6.66 -48.46
C ALA B 194 -2.29 -7.60 -48.11
N ASP B 195 -1.31 -7.06 -47.39
CA ASP B 195 -0.22 -7.85 -46.83
C ASP B 195 0.14 -7.32 -45.45
N LYS B 196 0.99 -8.06 -44.74
CA LYS B 196 1.41 -7.73 -43.38
C LYS B 196 2.08 -6.37 -43.29
N ALA B 197 2.84 -6.02 -44.34
CA ALA B 197 3.59 -4.77 -44.41
C ALA B 197 2.69 -3.53 -44.41
N GLU B 198 1.59 -3.59 -45.17
CA GLU B 198 0.62 -2.49 -45.19
C GLU B 198 -0.04 -2.31 -43.82
N PHE B 199 -0.38 -3.43 -43.18
CA PHE B 199 -0.99 -3.44 -41.85
C PHE B 199 -0.18 -2.66 -40.81
N PHE B 200 1.12 -2.96 -40.71
CA PHE B 200 2.00 -2.27 -39.76
C PHE B 200 2.29 -0.82 -40.13
N ALA B 201 2.25 -0.51 -41.43
CA ALA B 201 2.52 0.85 -41.90
C ALA B 201 1.34 1.80 -41.67
N LYS B 202 0.13 1.29 -41.81
CA LYS B 202 -1.08 2.11 -41.81
C LYS B 202 -1.74 2.29 -40.43
N ALA B 203 -1.55 1.33 -39.54
CA ALA B 203 -2.22 1.34 -38.24
C ALA B 203 -1.71 2.46 -37.33
N ASP B 204 -2.62 3.24 -36.76
CA ASP B 204 -2.24 4.24 -35.78
C ASP B 204 -2.20 3.59 -34.42
N VAL B 205 -3.17 2.73 -34.16
CA VAL B 205 -3.19 1.90 -32.97
C VAL B 205 -3.22 0.47 -33.48
N LEU B 206 -2.27 -0.33 -33.01
CA LEU B 206 -2.18 -1.71 -33.48
C LEU B 206 -2.29 -2.69 -32.32
N SER B 207 -3.33 -3.52 -32.37
CA SER B 207 -3.71 -4.36 -31.24
C SER B 207 -3.73 -5.85 -31.60
N LEU B 208 -3.04 -6.66 -30.80
CA LEU B 208 -2.94 -8.10 -31.05
C LEU B 208 -3.96 -8.92 -30.26
N HIS B 209 -4.69 -9.79 -30.97
CA HIS B 209 -5.67 -10.69 -30.36
C HIS B 209 -5.57 -12.06 -30.97
N LEU B 210 -4.45 -12.72 -30.66
CA LEU B 210 -4.13 -14.02 -31.20
C LEU B 210 -3.88 -15.03 -30.08
N ARG B 211 -4.21 -16.29 -30.35
CA ARG B 211 -3.74 -17.41 -29.52
C ARG B 211 -2.28 -17.66 -29.82
N LEU B 212 -1.55 -18.14 -28.82
CA LEU B 212 -0.15 -18.48 -28.98
C LEU B 212 0.01 -19.98 -29.27
N ASN B 213 0.70 -20.28 -30.35
CA ASN B 213 1.07 -21.65 -30.74
C ASN B 213 2.31 -21.62 -31.64
N ASP B 214 2.60 -22.74 -32.31
CA ASP B 214 3.77 -22.87 -33.19
C ASP B 214 3.74 -21.90 -34.36
N ALA B 215 2.53 -21.67 -34.88
CA ALA B 215 2.30 -20.77 -36.02
C ALA B 215 2.49 -19.30 -35.64
N THR B 216 2.12 -18.94 -34.41
CA THR B 216 2.07 -17.54 -33.99
C THR B 216 3.22 -17.09 -33.09
N ARG B 217 4.08 -18.02 -32.69
CA ARG B 217 5.22 -17.67 -31.85
C ARG B 217 6.18 -16.79 -32.64
N GLY B 218 6.46 -15.60 -32.11
CA GLY B 218 7.32 -14.64 -32.78
C GLY B 218 6.84 -14.15 -34.14
N ILE B 219 5.53 -14.24 -34.38
CA ILE B 219 4.95 -13.82 -35.66
C ILE B 219 5.10 -12.31 -35.92
N VAL B 220 5.25 -11.53 -34.85
CA VAL B 220 5.56 -10.10 -34.95
C VAL B 220 7.06 -9.92 -34.72
N THR B 221 7.75 -9.39 -35.74
CA THR B 221 9.20 -9.20 -35.69
C THR B 221 9.58 -7.79 -35.23
N LYS B 222 10.87 -7.59 -34.97
CA LYS B 222 11.44 -6.28 -34.69
C LYS B 222 11.22 -5.33 -35.87
N GLN B 223 11.31 -5.87 -37.09
CA GLN B 223 11.17 -5.10 -38.32
C GLN B 223 9.73 -4.60 -38.52
N ASP B 224 8.75 -5.42 -38.10
CA ASP B 224 7.35 -5.03 -38.16
C ASP B 224 7.06 -3.83 -37.28
N LEU B 225 7.58 -3.88 -36.05
CA LEU B 225 7.45 -2.78 -35.10
C LEU B 225 8.13 -1.52 -35.62
N LEU B 226 9.22 -1.70 -36.37
CA LEU B 226 9.98 -0.59 -36.92
C LEU B 226 9.29 0.07 -38.10
N ALA B 227 8.44 -0.71 -38.78
CA ALA B 227 7.63 -0.25 -39.91
C ALA B 227 6.44 0.65 -39.50
N MET B 228 6.12 0.69 -38.21
CA MET B 228 4.97 1.46 -37.70
C MET B 228 5.28 2.95 -37.64
N LYS B 229 4.22 3.76 -37.70
CA LYS B 229 4.34 5.23 -37.59
C LYS B 229 5.10 5.65 -36.33
N PRO B 230 5.86 6.76 -36.40
CA PRO B 230 6.60 7.23 -35.21
C PRO B 230 5.73 7.74 -34.06
N ASP B 231 4.45 8.01 -34.33
CA ASP B 231 3.51 8.36 -33.26
C ASP B 231 2.45 7.27 -33.01
N SER B 232 2.77 6.04 -33.42
CA SER B 232 1.84 4.91 -33.30
C SER B 232 1.72 4.37 -31.88
N LEU B 233 0.64 3.61 -31.64
CA LEU B 233 0.49 2.88 -30.38
C LEU B 233 0.43 1.38 -30.64
N PHE B 234 1.43 0.65 -30.13
CA PHE B 234 1.40 -0.82 -30.19
C PHE B 234 0.78 -1.40 -28.93
N VAL B 235 -0.22 -2.27 -29.10
CA VAL B 235 -0.96 -2.87 -27.97
C VAL B 235 -0.84 -4.40 -27.95
N ASN B 236 -0.31 -4.96 -26.87
CA ASN B 236 -0.35 -6.42 -26.68
C ASN B 236 -1.01 -6.86 -25.39
N THR B 237 -2.27 -7.29 -25.49
CA THR B 237 -3.01 -7.88 -24.36
C THR B 237 -3.23 -9.40 -24.52
N SER B 238 -2.49 -10.04 -25.43
CA SER B 238 -2.60 -11.49 -25.65
C SER B 238 -1.50 -12.27 -24.95
N ARG B 239 -0.34 -12.37 -25.59
CA ARG B 239 0.82 -13.09 -25.07
C ARG B 239 2.05 -12.39 -25.58
N ALA B 240 3.03 -12.19 -24.70
CA ALA B 240 4.24 -11.48 -25.06
C ALA B 240 5.01 -12.23 -26.15
N GLU B 241 4.92 -13.57 -26.14
CA GLU B 241 5.68 -14.43 -27.05
C GLU B 241 5.20 -14.41 -28.51
N LEU B 242 4.13 -13.68 -28.80
CA LEU B 242 3.69 -13.42 -30.17
C LEU B 242 4.69 -12.50 -30.87
N VAL B 243 5.39 -11.70 -30.07
CA VAL B 243 6.35 -10.73 -30.57
C VAL B 243 7.74 -11.28 -30.32
N GLU B 244 8.62 -11.12 -31.31
CA GLU B 244 10.04 -11.51 -31.21
C GLU B 244 10.60 -11.09 -29.85
N SER B 245 11.34 -12.00 -29.22
CA SER B 245 11.82 -11.81 -27.86
C SER B 245 12.70 -10.57 -27.71
N GLY B 246 12.40 -9.77 -26.69
CA GLY B 246 13.16 -8.56 -26.38
C GLY B 246 13.06 -7.46 -27.41
N ALA B 247 12.34 -7.71 -28.49
CA ALA B 247 12.25 -6.77 -29.60
C ALA B 247 11.42 -5.53 -29.27
N LEU B 248 10.38 -5.71 -28.45
CA LEU B 248 9.53 -4.59 -28.07
C LEU B 248 10.31 -3.58 -27.25
N TYR B 249 11.12 -4.08 -26.31
CA TYR B 249 11.97 -3.19 -25.51
C TYR B 249 12.94 -2.39 -26.38
N SER B 250 13.55 -3.05 -27.36
CA SER B 250 14.55 -2.41 -28.23
C SER B 250 13.96 -1.28 -29.04
N VAL B 251 12.83 -1.53 -29.67
CA VAL B 251 12.16 -0.53 -30.49
C VAL B 251 11.70 0.64 -29.63
N MET B 252 11.12 0.35 -28.46
CA MET B 252 10.58 1.40 -27.59
C MET B 252 11.65 2.26 -26.92
N GLN B 253 12.76 1.63 -26.52
CA GLN B 253 13.91 2.37 -25.99
C GLN B 253 14.46 3.38 -27.01
N ALA B 254 14.72 2.90 -28.23
CA ALA B 254 15.43 3.68 -29.23
C ALA B 254 14.55 4.74 -29.91
N ASN B 255 13.25 4.69 -29.66
CA ASN B 255 12.29 5.56 -30.32
C ASN B 255 11.30 6.16 -29.32
N PRO B 256 11.77 7.10 -28.48
CA PRO B 256 11.00 7.58 -27.32
C PRO B 256 9.66 8.20 -27.72
N MET B 257 9.48 8.47 -29.01
CA MET B 257 8.28 9.11 -29.53
C MET B 257 7.17 8.11 -29.88
N ARG B 258 7.53 6.84 -30.03
CA ARG B 258 6.53 5.77 -30.19
C ARG B 258 6.02 5.40 -28.82
N GLN B 259 4.82 4.82 -28.76
CA GLN B 259 4.28 4.34 -27.49
C GLN B 259 3.70 2.92 -27.57
N ALA B 260 3.64 2.25 -26.43
CA ALA B 260 3.09 0.90 -26.34
C ALA B 260 2.26 0.72 -25.07
N ALA B 261 1.26 -0.16 -25.15
CA ALA B 261 0.48 -0.57 -23.99
C ALA B 261 0.45 -2.09 -23.90
N VAL B 262 0.92 -2.64 -22.78
CA VAL B 262 0.97 -4.09 -22.58
C VAL B 262 0.32 -4.56 -21.27
N ASP B 263 -0.30 -5.74 -21.34
CA ASP B 263 -0.94 -6.39 -20.19
C ASP B 263 -0.24 -7.72 -19.92
N VAL B 264 0.61 -8.15 -20.86
CA VAL B 264 1.22 -9.48 -20.79
C VAL B 264 2.73 -9.40 -20.99
N TYR B 265 3.43 -10.36 -20.39
CA TYR B 265 4.90 -10.36 -20.35
C TYR B 265 5.43 -11.78 -20.55
N GLU B 266 6.70 -11.88 -20.91
CA GLU B 266 7.34 -13.17 -21.12
C GLU B 266 7.36 -13.97 -19.83
N ASN B 267 7.78 -13.31 -18.75
CA ASN B 267 7.76 -13.95 -17.45
C ASN B 267 6.83 -13.22 -16.50
N GLU B 268 5.86 -13.96 -15.98
CA GLU B 268 4.85 -13.41 -15.08
C GLU B 268 4.90 -14.16 -13.75
N PRO B 269 4.90 -13.43 -12.63
CA PRO B 269 4.92 -11.97 -12.43
C PRO B 269 6.11 -11.23 -13.06
N ALA B 270 5.81 -10.14 -13.77
CA ALA B 270 6.83 -9.24 -14.30
C ALA B 270 7.06 -8.12 -13.32
N LEU B 271 8.30 -7.98 -12.86
CA LEU B 271 8.65 -6.98 -11.85
C LEU B 271 9.81 -6.10 -12.32
N PRO B 272 9.96 -4.89 -11.73
CA PRO B 272 11.00 -3.97 -12.19
C PRO B 272 12.38 -4.63 -12.31
N ASN B 273 12.69 -5.58 -11.43
CA ASN B 273 14.00 -6.22 -11.42
C ASN B 273 14.19 -7.34 -12.47
N ASN B 274 13.10 -7.71 -13.15
CA ASN B 274 13.17 -8.72 -14.21
C ASN B 274 12.56 -8.30 -15.54
N GLU B 275 11.75 -7.24 -15.53
CA GLU B 275 11.06 -6.78 -16.74
C GLU B 275 11.46 -5.34 -17.11
N PRO B 276 12.38 -5.21 -18.09
CA PRO B 276 12.91 -3.93 -18.55
C PRO B 276 11.86 -2.98 -19.14
N LEU B 277 10.81 -3.52 -19.75
CA LEU B 277 9.68 -2.71 -20.22
C LEU B 277 9.13 -1.78 -19.14
N LEU B 278 9.25 -2.19 -17.88
CA LEU B 278 8.75 -1.39 -16.76
C LEU B 278 9.53 -0.09 -16.52
N SER B 279 10.75 -0.01 -17.06
CA SER B 279 11.58 1.17 -16.86
C SER B 279 11.40 2.21 -17.97
N LEU B 280 10.53 1.92 -18.94
CA LEU B 280 10.32 2.82 -20.08
C LEU B 280 9.09 3.71 -19.93
N PRO B 281 9.30 5.05 -19.96
CA PRO B 281 8.23 6.05 -19.82
C PRO B 281 7.17 5.96 -20.91
N ASN B 282 7.56 5.49 -22.10
CA ASN B 282 6.64 5.41 -23.23
C ASN B 282 5.91 4.07 -23.38
N VAL B 283 6.03 3.20 -22.38
CA VAL B 283 5.29 1.93 -22.36
C VAL B 283 4.39 1.87 -21.12
N LEU B 284 3.09 1.79 -21.36
CA LEU B 284 2.12 1.63 -20.27
C LEU B 284 2.01 0.15 -19.91
N CYS B 285 2.37 -0.21 -18.68
CA CYS B 285 2.37 -1.61 -18.26
C CYS B 285 1.28 -1.91 -17.23
N ALA B 286 0.48 -2.93 -17.51
CA ALA B 286 -0.56 -3.39 -16.59
C ALA B 286 -0.27 -4.83 -16.17
N PRO B 287 -0.61 -5.21 -14.92
CA PRO B 287 -0.27 -6.55 -14.45
C PRO B 287 -1.27 -7.66 -14.82
N HIS B 288 -1.34 -7.97 -16.13
CA HIS B 288 -2.24 -9.01 -16.68
C HIS B 288 -3.62 -8.95 -16.06
N LEU B 289 -4.27 -7.81 -16.26
CA LEU B 289 -5.59 -7.57 -15.68
C LEU B 289 -6.75 -7.78 -16.65
N GLY B 290 -6.53 -8.53 -17.73
CA GLY B 290 -7.55 -8.74 -18.79
C GLY B 290 -8.75 -9.46 -18.19
N TYR B 291 -8.52 -10.65 -17.65
CA TYR B 291 -9.60 -11.48 -17.09
C TYR B 291 -9.81 -11.28 -15.58
N VAL B 292 -9.07 -10.35 -14.98
CA VAL B 292 -9.13 -10.10 -13.53
C VAL B 292 -10.21 -9.06 -13.19
N GLU B 293 -11.42 -9.53 -12.91
CA GLU B 293 -12.59 -8.66 -12.76
C GLU B 293 -13.71 -9.47 -12.11
N LYS B 294 -14.64 -8.78 -11.43
CA LYS B 294 -15.68 -9.45 -10.64
C LYS B 294 -16.49 -10.47 -11.42
N ASN B 295 -17.21 -10.03 -12.46
CA ASN B 295 -18.05 -10.93 -13.26
C ASN B 295 -17.25 -12.06 -13.87
N SER B 296 -16.09 -11.73 -14.43
CA SER B 296 -15.22 -12.72 -15.03
C SER B 296 -14.87 -13.82 -14.01
N TYR B 297 -14.48 -13.41 -12.81
CA TYR B 297 -14.10 -14.34 -11.74
C TYR B 297 -15.28 -15.20 -11.26
N GLU B 298 -16.44 -14.59 -11.07
CA GLU B 298 -17.65 -15.35 -10.72
C GLU B 298 -17.97 -16.42 -11.75
N ILE B 299 -17.93 -16.06 -13.03
CA ILE B 299 -18.10 -17.02 -14.13
C ILE B 299 -17.02 -18.12 -14.11
N TYR B 300 -15.75 -17.74 -14.07
CA TYR B 300 -14.63 -18.69 -14.04
C TYR B 300 -14.72 -19.65 -12.87
N PHE B 301 -14.94 -19.11 -11.67
CA PHE B 301 -14.92 -19.93 -10.46
C PHE B 301 -16.23 -20.67 -10.20
N GLN B 302 -17.35 -20.10 -10.62
CA GLN B 302 -18.64 -20.82 -10.57
C GLN B 302 -18.50 -22.16 -11.30
N ALA B 303 -17.95 -22.10 -12.51
CA ALA B 303 -17.73 -23.29 -13.33
C ALA B 303 -16.67 -24.25 -12.76
N ALA B 304 -15.54 -23.70 -12.31
CA ALA B 304 -14.43 -24.52 -11.82
C ALA B 304 -14.79 -25.23 -10.52
N PHE B 305 -15.59 -24.58 -9.68
CA PHE B 305 -16.00 -25.15 -8.40
C PHE B 305 -17.12 -26.17 -8.54
N GLU B 306 -17.93 -26.03 -9.59
CA GLU B 306 -18.97 -27.01 -9.89
C GLU B 306 -18.34 -28.28 -10.44
N ASN B 307 -17.27 -28.12 -11.21
CA ASN B 307 -16.50 -29.26 -11.71
C ASN B 307 -15.85 -30.08 -10.59
N VAL B 308 -15.50 -29.42 -9.48
CA VAL B 308 -14.99 -30.10 -8.29
C VAL B 308 -16.12 -30.88 -7.63
N VAL B 309 -17.24 -30.19 -7.38
CA VAL B 309 -18.46 -30.79 -6.83
C VAL B 309 -18.90 -32.02 -7.64
N LYS B 310 -19.03 -31.86 -8.95
CA LYS B 310 -19.43 -32.95 -9.84
C LYS B 310 -18.44 -34.12 -9.82
N PHE B 311 -17.15 -33.80 -9.81
CA PHE B 311 -16.09 -34.82 -9.77
C PHE B 311 -16.10 -35.63 -8.48
N ALA B 312 -16.39 -34.97 -7.37
CA ALA B 312 -16.36 -35.59 -6.04
C ALA B 312 -17.55 -36.54 -5.77
N HIS B 313 -18.18 -37.02 -6.82
CA HIS B 313 -19.28 -37.98 -6.69
C HIS B 313 -19.07 -39.22 -7.52
N MET C 1 3.94 43.04 -35.24
CA MET C 1 2.78 43.90 -34.90
C MET C 1 2.53 43.91 -33.39
N MET C 2 1.64 43.02 -32.93
CA MET C 2 1.19 43.03 -31.53
C MET C 2 2.08 42.21 -30.60
N LYS C 3 2.21 42.69 -29.36
CA LYS C 3 2.78 41.90 -28.29
C LYS C 3 1.66 41.04 -27.69
N ILE C 4 1.85 39.72 -27.76
CA ILE C 4 0.81 38.74 -27.41
C ILE C 4 1.25 37.83 -26.27
N ALA C 5 0.40 37.72 -25.25
CA ALA C 5 0.63 36.76 -24.18
C ALA C 5 -0.37 35.60 -24.19
N ILE C 6 0.16 34.38 -24.05
CA ILE C 6 -0.68 33.20 -23.88
C ILE C 6 -0.53 32.72 -22.45
N LEU C 7 -1.65 32.68 -21.72
CA LEU C 7 -1.63 32.29 -20.31
C LEU C 7 -1.82 30.78 -20.07
N ASP C 8 -1.29 30.31 -18.95
CA ASP C 8 -1.63 28.99 -18.38
C ASP C 8 -1.32 27.74 -19.23
N ASP C 9 -0.28 27.78 -20.06
CA ASP C 9 0.13 26.58 -20.82
C ASP C 9 1.08 25.73 -20.00
N TYR C 10 0.53 24.95 -19.06
CA TYR C 10 1.33 24.26 -18.04
C TYR C 10 2.41 23.29 -18.56
N GLN C 11 2.19 22.69 -19.71
CA GLN C 11 3.15 21.76 -20.29
C GLN C 11 4.00 22.40 -21.38
N ASN C 12 3.71 23.67 -21.68
CA ASN C 12 4.47 24.45 -22.66
C ASN C 12 4.45 23.78 -24.04
N VAL C 13 3.24 23.40 -24.46
CA VAL C 13 3.05 22.64 -25.69
C VAL C 13 2.48 23.49 -26.83
N VAL C 14 1.90 24.64 -26.48
CA VAL C 14 1.30 25.54 -27.46
C VAL C 14 2.30 25.97 -28.54
N ARG C 15 3.54 26.27 -28.12
CA ARG C 15 4.63 26.65 -29.03
C ARG C 15 4.81 25.64 -30.16
N GLY C 16 4.55 24.37 -29.86
CA GLY C 16 4.79 23.27 -30.78
C GLY C 16 3.64 22.90 -31.72
N LEU C 17 2.50 23.57 -31.57
CA LEU C 17 1.33 23.26 -32.40
C LEU C 17 1.50 23.81 -33.82
N ASN C 18 0.84 23.18 -34.80
CA ASN C 18 0.76 23.70 -36.17
C ASN C 18 0.19 25.12 -36.18
N ALA C 19 -0.79 25.34 -35.31
CA ALA C 19 -1.46 26.63 -35.23
C ALA C 19 -0.53 27.78 -34.82
N PHE C 20 0.57 27.46 -34.14
CA PHE C 20 1.50 28.49 -33.66
C PHE C 20 2.16 29.27 -34.80
N GLN C 21 2.34 28.62 -35.95
CA GLN C 21 2.91 29.30 -37.12
C GLN C 21 2.06 30.44 -37.64
N CYS C 22 0.75 30.37 -37.36
CA CYS C 22 -0.19 31.44 -37.68
C CYS C 22 0.14 32.76 -37.00
N LEU C 23 1.05 32.73 -36.02
CA LEU C 23 1.45 33.93 -35.28
C LEU C 23 2.81 34.50 -35.69
N GLN C 24 3.38 33.96 -36.77
CA GLN C 24 4.64 34.45 -37.31
C GLN C 24 4.57 35.97 -37.57
N GLY C 25 5.66 36.67 -37.26
CA GLY C 25 5.69 38.13 -37.41
C GLY C 25 4.95 38.88 -36.30
N HIS C 26 4.70 38.19 -35.19
CA HIS C 26 4.18 38.84 -33.98
C HIS C 26 5.11 38.54 -32.84
N ASP C 27 5.04 39.35 -31.80
CA ASP C 27 5.83 39.14 -30.59
C ASP C 27 5.03 38.36 -29.54
N VAL C 28 5.34 37.07 -29.42
CA VAL C 28 4.55 36.15 -28.58
C VAL C 28 5.33 35.63 -27.36
N THR C 29 4.75 35.78 -26.18
CA THR C 29 5.24 35.11 -24.96
C THR C 29 4.19 34.13 -24.45
N VAL C 30 4.62 32.89 -24.21
CA VAL C 30 3.77 31.84 -23.65
C VAL C 30 4.16 31.58 -22.21
N PHE C 31 3.22 31.83 -21.29
CA PHE C 31 3.46 31.54 -19.88
C PHE C 31 3.00 30.13 -19.52
N ASN C 32 3.66 29.54 -18.52
CA ASN C 32 3.51 28.12 -18.23
C ASN C 32 3.13 27.83 -16.78
N ASP C 33 3.29 28.82 -15.92
CA ASP C 33 2.97 28.65 -14.52
C ASP C 33 1.53 29.05 -14.25
N SER C 34 1.00 28.65 -13.11
CA SER C 34 -0.32 29.05 -12.71
C SER C 34 -0.19 30.21 -11.73
N VAL C 35 -0.60 31.38 -12.18
CA VAL C 35 -0.57 32.58 -11.34
C VAL C 35 -1.99 33.10 -11.15
N SER C 36 -2.44 33.11 -9.89
CA SER C 36 -3.72 33.68 -9.53
C SER C 36 -3.53 35.03 -8.84
N ASP C 37 -2.31 35.27 -8.36
CA ASP C 37 -1.91 36.54 -7.76
C ASP C 37 -2.00 37.67 -8.80
N GLU C 38 -3.07 38.45 -8.71
CA GLU C 38 -3.36 39.50 -9.69
C GLU C 38 -2.30 40.59 -9.73
N THR C 39 -1.61 40.80 -8.60
CA THR C 39 -0.48 41.71 -8.53
C THR C 39 0.62 41.26 -9.51
N VAL C 40 0.98 39.98 -9.46
CA VAL C 40 1.97 39.39 -10.35
C VAL C 40 1.50 39.42 -11.80
N LEU C 41 0.20 39.14 -12.01
CA LEU C 41 -0.40 39.13 -13.35
C LEU C 41 -0.38 40.50 -14.01
N ILE C 42 -0.82 41.51 -13.27
CA ILE C 42 -0.79 42.90 -13.74
C ILE C 42 0.64 43.30 -14.11
N GLU C 43 1.59 43.02 -13.21
CA GLU C 43 2.99 43.37 -13.47
C GLU C 43 3.55 42.59 -14.65
N ARG C 44 3.09 41.35 -14.82
CA ARG C 44 3.54 40.49 -15.91
C ARG C 44 2.94 40.90 -17.27
N LEU C 45 1.66 41.29 -17.27
CA LEU C 45 0.92 41.53 -18.51
C LEU C 45 0.89 42.97 -19.02
N LYS C 46 1.50 43.89 -18.27
CA LYS C 46 1.50 45.32 -18.64
C LYS C 46 1.81 45.61 -20.12
N PRO C 47 2.93 45.08 -20.66
CA PRO C 47 3.33 45.45 -22.03
C PRO C 47 2.49 44.79 -23.15
N PHE C 48 1.54 43.94 -22.79
CA PHE C 48 0.81 43.17 -23.79
C PHE C 48 -0.44 43.85 -24.33
N GLU C 49 -0.65 43.69 -25.63
CA GLU C 49 -1.78 44.28 -26.35
C GLU C 49 -2.91 43.28 -26.60
N ALA C 50 -2.56 41.99 -26.60
CA ALA C 50 -3.55 40.92 -26.72
C ALA C 50 -3.23 39.78 -25.76
N LEU C 51 -4.27 39.22 -25.15
CA LEU C 51 -4.13 38.00 -24.35
C LEU C 51 -4.90 36.88 -25.02
N VAL C 52 -4.30 35.70 -25.05
CA VAL C 52 -4.96 34.50 -25.52
C VAL C 52 -5.20 33.62 -24.31
N LEU C 53 -6.47 33.38 -24.01
CA LEU C 53 -6.85 32.62 -22.84
C LEU C 53 -7.15 31.17 -23.16
N ILE C 54 -6.69 30.27 -22.29
CA ILE C 54 -6.99 28.85 -22.41
C ILE C 54 -8.19 28.52 -21.53
N ARG C 55 -9.34 28.40 -22.18
CA ARG C 55 -10.62 28.16 -21.49
CA ARG C 55 -10.61 28.15 -21.47
C ARG C 55 -10.72 29.02 -20.21
N GLU C 56 -11.01 28.40 -19.07
CA GLU C 56 -11.28 29.14 -17.81
C GLU C 56 -10.12 29.15 -16.79
N ARG C 57 -8.89 28.89 -17.23
CA ARG C 57 -7.76 28.78 -16.30
C ARG C 57 -7.40 30.08 -15.55
N THR C 58 -7.78 31.23 -16.11
CA THR C 58 -7.63 32.51 -15.42
C THR C 58 -8.91 33.34 -15.52
N PRO C 59 -9.47 33.76 -14.37
CA PRO C 59 -10.60 34.69 -14.46
C PRO C 59 -10.11 36.09 -14.87
N ILE C 60 -10.89 36.77 -15.71
CA ILE C 60 -10.62 38.16 -16.04
C ILE C 60 -11.49 39.05 -15.15
N THR C 61 -10.86 39.71 -14.19
CA THR C 61 -11.57 40.55 -13.23
C THR C 61 -11.46 42.03 -13.61
N GLU C 62 -12.26 42.87 -12.94
CA GLU C 62 -12.14 44.33 -13.14
C GLU C 62 -10.76 44.82 -12.72
N ASN C 63 -10.24 44.25 -11.63
CA ASN C 63 -8.88 44.53 -11.18
C ASN C 63 -7.85 44.36 -12.29
N LEU C 64 -7.91 43.26 -13.03
CA LEU C 64 -7.02 43.06 -14.18
C LEU C 64 -7.25 44.14 -15.25
N LEU C 65 -8.50 44.31 -15.65
CA LEU C 65 -8.87 45.27 -16.70
C LEU C 65 -8.53 46.71 -16.32
N ALA C 66 -8.68 47.05 -15.04
CA ALA C 66 -8.38 48.39 -14.56
C ALA C 66 -6.90 48.73 -14.66
N HIS C 67 -6.04 47.71 -14.60
CA HIS C 67 -4.60 47.93 -14.52
C HIS C 67 -3.80 47.46 -15.70
N LEU C 68 -4.49 47.24 -16.82
CA LEU C 68 -3.84 46.83 -18.06
C LEU C 68 -4.30 47.73 -19.23
N PRO C 69 -3.79 48.98 -19.27
CA PRO C 69 -4.23 49.98 -20.26
C PRO C 69 -3.79 49.74 -21.71
N ASN C 70 -2.73 48.94 -21.90
CA ASN C 70 -2.30 48.61 -23.26
C ASN C 70 -3.08 47.45 -23.90
N LEU C 71 -3.88 46.75 -23.10
CA LEU C 71 -4.68 45.62 -23.59
C LEU C 71 -5.79 46.07 -24.52
N LYS C 72 -5.80 45.54 -25.75
CA LYS C 72 -6.84 45.86 -26.73
C LYS C 72 -7.72 44.64 -27.01
N LEU C 73 -7.13 43.45 -26.95
CA LEU C 73 -7.85 42.25 -27.32
C LEU C 73 -7.68 41.08 -26.34
N ILE C 74 -8.79 40.42 -26.04
CA ILE C 74 -8.74 39.09 -25.45
C ILE C 74 -9.30 38.11 -26.48
N SER C 75 -8.48 37.12 -26.86
CA SER C 75 -8.94 36.07 -27.77
C SER C 75 -9.16 34.78 -27.00
N GLN C 76 -10.41 34.36 -26.91
CA GLN C 76 -10.79 33.20 -26.12
C GLN C 76 -10.70 31.93 -26.95
N THR C 77 -10.05 30.91 -26.39
CA THR C 77 -10.14 29.56 -26.94
C THR C 77 -11.52 29.04 -26.54
N GLY C 78 -12.28 28.54 -27.53
CA GLY C 78 -13.65 28.12 -27.28
C GLY C 78 -14.52 29.34 -27.01
N LYS C 79 -15.66 29.12 -26.38
CA LYS C 79 -16.60 30.19 -26.10
C LYS C 79 -16.33 30.81 -24.73
N VAL C 80 -16.80 32.05 -24.54
CA VAL C 80 -16.75 32.72 -23.24
C VAL C 80 -17.63 31.98 -22.21
N SER C 81 -17.26 32.09 -20.94
CA SER C 81 -18.11 31.55 -19.86
C SER C 81 -17.80 32.25 -18.55
N ASN C 82 -18.10 31.58 -17.44
CA ASN C 82 -18.04 32.16 -16.11
C ASN C 82 -16.78 32.95 -15.71
N HIS C 83 -15.67 32.72 -16.40
CA HIS C 83 -14.39 33.32 -16.03
C HIS C 83 -14.18 34.70 -16.60
N ILE C 84 -15.10 35.15 -17.45
CA ILE C 84 -14.94 36.42 -18.18
C ILE C 84 -16.28 37.17 -18.34
N ASP C 85 -16.23 38.50 -18.23
CA ASP C 85 -17.43 39.35 -18.28
C ASP C 85 -17.32 40.30 -19.46
N VAL C 86 -17.91 39.90 -20.58
CA VAL C 86 -17.69 40.59 -21.86
C VAL C 86 -18.16 42.06 -21.86
N PRO C 87 -19.38 42.34 -21.32
CA PRO C 87 -19.73 43.74 -21.17
C PRO C 87 -18.66 44.55 -20.41
N LEU C 88 -18.13 44.00 -19.32
CA LEU C 88 -17.13 44.69 -18.51
C LEU C 88 -15.83 44.92 -19.25
N CYS C 89 -15.38 43.90 -20.01
CA CYS C 89 -14.17 44.02 -20.83
C CYS C 89 -14.25 45.20 -21.81
N GLU C 90 -15.38 45.32 -22.50
CA GLU C 90 -15.58 46.34 -23.53
C GLU C 90 -15.68 47.73 -22.91
N ARG C 91 -16.30 47.80 -21.73
CA ARG C 91 -16.36 49.02 -20.94
C ARG C 91 -14.95 49.57 -20.64
N TYR C 92 -13.95 48.68 -20.59
CA TYR C 92 -12.54 49.10 -20.47
C TYR C 92 -11.82 49.17 -21.81
N GLY C 93 -12.59 49.16 -22.89
CA GLY C 93 -12.04 49.22 -24.25
C GLY C 93 -11.34 47.95 -24.70
N VAL C 94 -11.73 46.81 -24.14
CA VAL C 94 -11.13 45.55 -24.56
C VAL C 94 -12.10 44.73 -25.37
N THR C 95 -11.71 44.45 -26.62
CA THR C 95 -12.45 43.55 -27.50
C THR C 95 -12.25 42.12 -27.03
N VAL C 96 -13.36 41.39 -26.92
CA VAL C 96 -13.32 39.95 -26.64
C VAL C 96 -13.83 39.17 -27.85
N LEU C 97 -12.95 38.36 -28.43
CA LEU C 97 -13.35 37.49 -29.53
C LEU C 97 -13.32 36.03 -29.07
N GLU C 98 -14.31 35.25 -29.53
CA GLU C 98 -14.36 33.84 -29.15
C GLU C 98 -14.10 32.88 -30.31
N GLY C 99 -13.56 31.71 -29.97
CA GLY C 99 -13.23 30.69 -30.95
C GLY C 99 -14.25 29.58 -31.02
N ILE C 100 -13.76 28.39 -31.34
CA ILE C 100 -14.59 27.21 -31.50
C ILE C 100 -13.90 26.07 -30.78
N GLY C 101 -14.67 25.05 -30.40
CA GLY C 101 -14.14 23.91 -29.67
C GLY C 101 -14.82 22.61 -30.05
N SER C 102 -14.13 21.50 -29.80
CA SER C 102 -14.60 20.17 -30.18
C SER C 102 -15.04 19.37 -28.95
N PRO C 103 -16.16 18.61 -29.08
CA PRO C 103 -16.65 17.74 -27.98
C PRO C 103 -15.99 16.37 -27.92
N VAL C 104 -15.20 16.02 -28.94
CA VAL C 104 -14.63 14.67 -29.06
C VAL C 104 -13.62 14.30 -27.96
N ALA C 105 -12.55 15.07 -27.80
CA ALA C 105 -11.57 14.79 -26.74
C ALA C 105 -12.16 14.69 -25.34
N PRO C 106 -13.03 15.65 -24.94
CA PRO C 106 -13.72 15.52 -23.65
C PRO C 106 -14.52 14.23 -23.51
N ALA C 107 -15.27 13.86 -24.55
CA ALA C 107 -16.05 12.64 -24.50
C ALA C 107 -15.16 11.42 -24.30
N GLU C 108 -14.12 11.30 -25.13
CA GLU C 108 -13.14 10.21 -25.04
C GLU C 108 -12.44 10.16 -23.67
N LEU C 109 -12.10 11.34 -23.12
CA LEU C 109 -11.45 11.42 -21.80
C LEU C 109 -12.38 10.95 -20.68
N CYS C 110 -13.64 11.41 -20.72
CA CYS C 110 -14.65 10.97 -19.77
C CYS C 110 -14.73 9.45 -19.77
N TRP C 111 -14.72 8.85 -20.95
CA TRP C 111 -14.78 7.40 -21.05
C TRP C 111 -13.57 6.73 -20.48
N SER C 112 -12.41 7.32 -20.73
CA SER C 112 -11.15 6.82 -20.19
C SER C 112 -11.15 6.83 -18.66
N LEU C 113 -11.76 7.85 -18.07
CA LEU C 113 -11.89 7.95 -16.62
C LEU C 113 -12.81 6.86 -16.11
N ILE C 114 -13.91 6.66 -16.81
CA ILE C 114 -14.91 5.66 -16.42
C ILE C 114 -14.30 4.26 -16.42
N LEU C 115 -13.56 3.94 -17.47
CA LEU C 115 -12.91 2.64 -17.60
C LEU C 115 -11.75 2.45 -16.62
N ALA C 116 -10.94 3.49 -16.42
CA ALA C 116 -9.84 3.45 -15.46
C ALA C 116 -10.33 3.25 -14.02
N ALA C 117 -11.36 4.00 -13.66
CA ALA C 117 -11.98 3.92 -12.34
C ALA C 117 -12.58 2.54 -12.12
N SER C 118 -13.30 2.04 -13.12
CA SER C 118 -13.96 0.74 -13.03
C SER C 118 -12.96 -0.38 -12.79
N ARG C 119 -11.79 -0.28 -13.43
CA ARG C 119 -10.84 -1.38 -13.35
C ARG C 119 -9.67 -1.14 -12.41
N HIS C 120 -9.72 -0.04 -11.64
CA HIS C 120 -8.66 0.37 -10.71
C HIS C 120 -7.32 0.47 -11.37
N LEU C 121 -7.32 0.95 -12.61
CA LEU C 121 -6.14 0.90 -13.44
C LEU C 121 -4.93 1.69 -12.88
N PRO C 122 -5.11 2.94 -12.40
CA PRO C 122 -3.93 3.67 -11.94
C PRO C 122 -3.23 3.04 -10.73
N SER C 123 -4.01 2.54 -9.77
CA SER C 123 -3.45 1.88 -8.58
C SER C 123 -2.74 0.57 -8.92
N TYR C 124 -3.35 -0.22 -9.81
CA TYR C 124 -2.74 -1.47 -10.28
C TYR C 124 -1.38 -1.18 -10.92
N ILE C 125 -1.35 -0.22 -11.83
CA ILE C 125 -0.16 0.22 -12.53
C ILE C 125 0.91 0.75 -11.56
N GLU C 126 0.51 1.66 -10.67
CA GLU C 126 1.43 2.21 -9.68
C GLU C 126 2.05 1.14 -8.76
N GLN C 127 1.24 0.17 -8.33
CA GLN C 127 1.73 -0.92 -7.50
C GLN C 127 2.70 -1.82 -8.26
N LEU C 128 2.42 -2.01 -9.54
CA LEU C 128 3.28 -2.80 -10.42
C LEU C 128 4.69 -2.18 -10.52
N HIS C 129 4.75 -0.88 -10.70
CA HIS C 129 6.04 -0.16 -10.76
C HIS C 129 6.73 -0.12 -9.42
N ALA C 130 5.95 -0.24 -8.35
CA ALA C 130 6.50 -0.34 -6.99
C ALA C 130 6.94 -1.76 -6.63
N GLY C 131 6.80 -2.70 -7.57
CA GLY C 131 7.23 -4.09 -7.34
C GLY C 131 6.18 -5.05 -6.79
N HIS C 132 4.91 -4.67 -6.83
CA HIS C 132 3.83 -5.51 -6.31
C HIS C 132 2.92 -5.92 -7.43
N TRP C 133 3.03 -7.19 -7.82
CA TRP C 133 2.30 -7.74 -8.96
C TRP C 133 0.83 -7.86 -8.69
N GLN C 134 0.02 -7.23 -9.53
CA GLN C 134 -1.44 -7.35 -9.46
C GLN C 134 -2.03 -6.94 -8.10
N GLN C 135 -1.53 -5.81 -7.57
CA GLN C 135 -2.07 -5.24 -6.33
C GLN C 135 -2.56 -3.84 -6.66
N ASN C 136 -3.50 -3.34 -5.87
CA ASN C 136 -4.07 -2.02 -6.12
C ASN C 136 -4.38 -1.23 -4.84
N GLY C 137 -3.73 -1.61 -3.75
CA GLY C 137 -3.94 -0.95 -2.46
C GLY C 137 -5.19 -1.40 -1.73
N GLY C 138 -5.54 -2.67 -1.88
CA GLY C 138 -6.68 -3.25 -1.16
C GLY C 138 -8.05 -2.84 -1.68
N LEU C 139 -8.11 -2.43 -2.96
CA LEU C 139 -9.38 -2.01 -3.55
C LEU C 139 -10.19 -3.20 -4.12
N GLY C 140 -9.57 -4.38 -4.15
CA GLY C 140 -10.22 -5.59 -4.67
C GLY C 140 -10.34 -5.60 -6.19
N LEU C 141 -11.30 -6.38 -6.68
CA LEU C 141 -11.54 -6.55 -8.10
C LEU C 141 -12.28 -5.37 -8.71
N GLY C 142 -11.86 -4.97 -9.92
CA GLY C 142 -12.60 -4.04 -10.74
C GLY C 142 -13.82 -4.71 -11.37
N ARG C 143 -14.57 -3.93 -12.16
CA ARG C 143 -15.88 -4.36 -12.67
C ARG C 143 -16.08 -3.98 -14.12
N THR C 144 -16.74 -4.85 -14.88
CA THR C 144 -17.10 -4.54 -16.27
C THR C 144 -18.23 -3.52 -16.30
N LEU C 145 -18.31 -2.78 -17.41
CA LEU C 145 -19.40 -1.84 -17.61
C LEU C 145 -20.64 -2.54 -18.19
N SER C 146 -20.38 -3.57 -19.00
CA SER C 146 -21.42 -4.38 -19.66
C SER C 146 -22.49 -4.82 -18.66
N GLY C 147 -23.73 -4.48 -18.95
CA GLY C 147 -24.85 -4.80 -18.03
C GLY C 147 -25.23 -3.71 -17.06
N ARG C 148 -24.26 -2.88 -16.68
CA ARG C 148 -24.50 -1.79 -15.71
C ARG C 148 -25.25 -0.62 -16.38
N THR C 149 -26.18 -0.01 -15.66
CA THR C 149 -26.90 1.15 -16.20
C THR C 149 -26.07 2.43 -16.18
N LEU C 150 -25.91 3.04 -17.35
CA LEU C 150 -25.19 4.29 -17.46
C LEU C 150 -26.19 5.43 -17.38
N GLY C 151 -26.06 6.23 -16.31
CA GLY C 151 -26.90 7.41 -16.16
C GLY C 151 -26.23 8.67 -16.67
N ILE C 152 -26.91 9.38 -17.57
CA ILE C 152 -26.37 10.60 -18.16
C ILE C 152 -27.30 11.76 -17.83
N TRP C 153 -26.75 12.76 -17.15
CA TRP C 153 -27.46 14.01 -16.90
C TRP C 153 -27.00 14.99 -17.93
N GLY C 154 -27.88 15.29 -18.90
CA GLY C 154 -27.55 16.21 -20.00
C GLY C 154 -27.12 15.49 -21.27
N LEU C 155 -27.97 15.52 -22.29
CA LEU C 155 -27.68 14.79 -23.54
C LEU C 155 -27.26 15.71 -24.68
N GLY C 156 -26.30 16.59 -24.41
CA GLY C 156 -25.77 17.50 -25.41
C GLY C 156 -24.68 16.85 -26.23
N LYS C 157 -23.85 17.67 -26.88
CA LYS C 157 -22.76 17.18 -27.73
C LYS C 157 -21.86 16.13 -27.06
N ILE C 158 -21.48 16.38 -25.81
CA ILE C 158 -20.65 15.42 -25.06
C ILE C 158 -21.50 14.25 -24.55
N GLY C 159 -22.61 14.54 -23.88
CA GLY C 159 -23.51 13.51 -23.37
C GLY C 159 -23.89 12.44 -24.38
N GLN C 160 -24.26 12.86 -25.60
CA GLN C 160 -24.66 11.92 -26.66
C GLN C 160 -23.57 10.94 -27.04
N ARG C 161 -22.33 11.42 -27.04
CA ARG C 161 -21.18 10.58 -27.32
C ARG C 161 -20.94 9.54 -26.23
N ILE C 162 -21.13 9.95 -24.97
CA ILE C 162 -21.01 9.05 -23.83
C ILE C 162 -22.05 7.93 -23.90
N ALA C 163 -23.27 8.29 -24.27
CA ALA C 163 -24.36 7.32 -24.49
C ALA C 163 -24.02 6.29 -25.57
N GLN C 164 -23.47 6.75 -26.69
CA GLN C 164 -23.07 5.82 -27.75
C GLN C 164 -21.98 4.88 -27.27
N PHE C 165 -21.06 5.40 -26.43
CA PHE C 165 -20.01 4.58 -25.83
C PHE C 165 -20.64 3.52 -24.94
N GLY C 166 -21.48 3.93 -24.00
CA GLY C 166 -22.13 2.97 -23.08
C GLY C 166 -22.89 1.89 -23.85
N HIS C 167 -23.60 2.32 -24.87
CA HIS C 167 -24.40 1.40 -25.66
C HIS C 167 -23.57 0.30 -26.30
N VAL C 168 -22.46 0.66 -26.93
CA VAL C 168 -21.60 -0.34 -27.57
C VAL C 168 -20.89 -1.23 -26.54
N PHE C 169 -20.71 -0.70 -25.34
CA PHE C 169 -20.20 -1.47 -24.21
C PHE C 169 -21.30 -2.29 -23.54
N GLY C 170 -22.54 -2.21 -24.03
CA GLY C 170 -23.63 -3.06 -23.52
C GLY C 170 -24.27 -2.54 -22.25
N MET C 171 -24.31 -1.22 -22.12
CA MET C 171 -24.92 -0.59 -20.97
C MET C 171 -26.31 -0.05 -21.32
N PRO C 172 -27.33 -0.38 -20.50
CA PRO C 172 -28.59 0.38 -20.62
C PRO C 172 -28.30 1.88 -20.44
N ILE C 173 -29.01 2.72 -21.18
CA ILE C 173 -28.81 4.16 -21.06
C ILE C 173 -30.04 4.79 -20.42
N LEU C 174 -29.81 5.48 -19.30
CA LEU C 174 -30.88 6.21 -18.59
C LEU C 174 -30.52 7.70 -18.56
N VAL C 175 -31.45 8.54 -19.01
CA VAL C 175 -31.16 9.95 -19.20
C VAL C 175 -32.01 10.85 -18.31
N TRP C 176 -31.36 11.83 -17.70
CA TRP C 176 -32.04 12.88 -16.95
C TRP C 176 -31.59 14.24 -17.42
N GLY C 177 -32.45 15.24 -17.25
CA GLY C 177 -32.10 16.63 -17.52
C GLY C 177 -33.30 17.40 -18.03
N SER C 178 -33.02 18.39 -18.88
CA SER C 178 -34.08 19.16 -19.54
C SER C 178 -35.03 18.25 -20.32
N GLU C 179 -36.22 18.78 -20.63
CA GLU C 179 -37.16 18.07 -21.50
C GLU C 179 -36.49 17.73 -22.84
N ALA C 180 -35.74 18.69 -23.40
CA ALA C 180 -35.04 18.50 -24.67
C ALA C 180 -34.05 17.33 -24.61
N SER C 181 -33.32 17.20 -23.49
CA SER C 181 -32.39 16.08 -23.31
C SER C 181 -33.14 14.77 -23.29
N ARG C 182 -34.23 14.73 -22.52
CA ARG C 182 -35.05 13.53 -22.39
C ARG C 182 -35.84 13.17 -23.65
N GLN C 183 -36.22 14.16 -24.43
CA GLN C 183 -36.83 13.93 -25.75
C GLN C 183 -35.81 13.28 -26.72
N LYS C 184 -34.62 13.86 -26.76
CA LYS C 184 -33.51 13.29 -27.53
C LYS C 184 -33.27 11.83 -27.14
N ALA C 185 -33.25 11.57 -25.83
CA ALA C 185 -33.11 10.22 -25.28
C ALA C 185 -34.12 9.23 -25.89
N LEU C 186 -35.40 9.58 -25.81
CA LEU C 186 -36.45 8.72 -26.38
C LEU C 186 -36.30 8.56 -27.88
N GLU C 187 -36.03 9.65 -28.60
CA GLU C 187 -35.82 9.59 -30.05
C GLU C 187 -34.63 8.72 -30.46
N LEU C 188 -33.63 8.60 -29.59
CA LEU C 188 -32.49 7.73 -29.84
C LEU C 188 -32.73 6.29 -29.32
N GLY C 189 -33.83 6.08 -28.59
CA GLY C 189 -34.18 4.76 -28.10
C GLY C 189 -33.56 4.41 -26.75
N TYR C 190 -33.10 5.43 -26.04
CA TYR C 190 -32.62 5.29 -24.65
C TYR C 190 -33.79 5.49 -23.68
N GLN C 191 -33.53 5.31 -22.38
CA GLN C 191 -34.57 5.57 -21.39
C GLN C 191 -34.50 7.01 -20.90
N ALA C 192 -35.67 7.57 -20.60
CA ALA C 192 -35.76 8.81 -19.84
C ALA C 192 -36.19 8.48 -18.42
N ALA C 193 -35.43 8.98 -17.44
CA ALA C 193 -35.79 8.84 -16.03
C ALA C 193 -37.07 9.62 -15.76
N ALA C 194 -37.94 9.04 -14.93
CA ALA C 194 -39.21 9.64 -14.53
C ALA C 194 -38.98 10.93 -13.76
N ASP C 195 -37.99 10.92 -12.87
CA ASP C 195 -37.55 12.10 -12.14
C ASP C 195 -36.10 11.93 -11.66
N LYS C 196 -35.57 12.97 -11.02
CA LYS C 196 -34.19 12.98 -10.51
C LYS C 196 -33.98 11.86 -9.49
N ALA C 197 -34.98 11.66 -8.61
CA ALA C 197 -34.94 10.60 -7.60
C ALA C 197 -34.72 9.21 -8.23
N GLU C 198 -35.49 8.88 -9.27
CA GLU C 198 -35.29 7.62 -10.00
C GLU C 198 -33.90 7.54 -10.64
N PHE C 199 -33.43 8.66 -11.19
CA PHE C 199 -32.15 8.73 -11.86
C PHE C 199 -31.00 8.36 -10.93
N PHE C 200 -30.95 8.99 -9.74
CA PHE C 200 -29.90 8.66 -8.78
C PHE C 200 -30.02 7.27 -8.18
N ALA C 201 -31.25 6.80 -8.01
CA ALA C 201 -31.49 5.47 -7.45
C ALA C 201 -31.04 4.34 -8.38
N LYS C 202 -31.24 4.52 -9.69
CA LYS C 202 -31.08 3.43 -10.66
C LYS C 202 -29.73 3.40 -11.42
N ALA C 203 -29.02 4.51 -11.45
CA ALA C 203 -27.78 4.56 -12.23
C ALA C 203 -26.67 3.78 -11.53
N ASP C 204 -25.99 2.91 -12.26
CA ASP C 204 -24.78 2.26 -11.74
C ASP C 204 -23.58 3.17 -11.93
N VAL C 205 -23.49 3.76 -13.12
CA VAL C 205 -22.49 4.77 -13.44
C VAL C 205 -23.28 6.02 -13.79
N LEU C 206 -23.00 7.10 -13.09
CA LEU C 206 -23.73 8.36 -13.29
C LEU C 206 -22.77 9.47 -13.71
N SER C 207 -22.99 10.04 -14.90
CA SER C 207 -22.10 11.06 -15.45
C SER C 207 -22.82 12.38 -15.71
N LEU C 208 -22.21 13.48 -15.25
CA LEU C 208 -22.76 14.82 -15.44
C LEU C 208 -22.23 15.47 -16.71
N HIS C 209 -23.16 15.95 -17.55
CA HIS C 209 -22.79 16.74 -18.73
C HIS C 209 -23.67 17.95 -18.84
N LEU C 210 -23.42 18.92 -17.95
CA LEU C 210 -24.19 20.16 -17.90
C LEU C 210 -23.24 21.34 -17.89
N ARG C 211 -23.71 22.45 -18.45
CA ARG C 211 -23.04 23.74 -18.29
C ARG C 211 -23.38 24.29 -16.92
N LEU C 212 -22.41 24.99 -16.32
CA LEU C 212 -22.59 25.61 -15.02
C LEU C 212 -23.21 27.00 -15.15
N ASN C 213 -24.32 27.22 -14.44
CA ASN C 213 -24.92 28.55 -14.36
C ASN C 213 -25.77 28.67 -13.10
N ASP C 214 -26.42 29.83 -12.93
CA ASP C 214 -27.26 30.09 -11.76
C ASP C 214 -28.36 29.05 -11.54
N ALA C 215 -28.89 28.50 -12.63
CA ALA C 215 -29.89 27.43 -12.53
C ALA C 215 -29.30 26.09 -12.06
N THR C 216 -28.08 25.78 -12.51
CA THR C 216 -27.49 24.45 -12.25
C THR C 216 -26.42 24.43 -11.16
N ARG C 217 -26.13 25.59 -10.56
CA ARG C 217 -25.21 25.66 -9.43
C ARG C 217 -25.82 24.94 -8.23
N GLY C 218 -25.12 23.91 -7.75
CA GLY C 218 -25.59 23.07 -6.65
C GLY C 218 -26.79 22.20 -6.98
N ILE C 219 -26.98 21.88 -8.26
CA ILE C 219 -28.12 21.08 -8.68
C ILE C 219 -28.06 19.62 -8.18
N VAL C 220 -26.84 19.08 -8.05
CA VAL C 220 -26.67 17.80 -7.33
C VAL C 220 -26.48 18.11 -5.84
N THR C 221 -27.39 17.60 -5.01
CA THR C 221 -27.32 17.79 -3.57
C THR C 221 -26.64 16.60 -2.92
N LYS C 222 -26.21 16.77 -1.66
CA LYS C 222 -25.66 15.67 -0.87
C LYS C 222 -26.68 14.53 -0.77
N GLN C 223 -27.94 14.89 -0.63
CA GLN C 223 -29.04 13.92 -0.57
C GLN C 223 -29.15 13.09 -1.85
N ASP C 224 -28.93 13.73 -3.00
CA ASP C 224 -28.88 13.03 -4.29
C ASP C 224 -27.77 11.98 -4.32
N LEU C 225 -26.56 12.37 -3.89
CA LEU C 225 -25.45 11.41 -3.80
C LEU C 225 -25.76 10.25 -2.88
N LEU C 226 -26.39 10.55 -1.74
CA LEU C 226 -26.69 9.52 -0.73
C LEU C 226 -27.74 8.51 -1.18
N ALA C 227 -28.56 8.91 -2.16
CA ALA C 227 -29.58 8.04 -2.72
C ALA C 227 -29.02 7.09 -3.78
N MET C 228 -27.71 7.14 -4.01
CA MET C 228 -27.09 6.29 -5.04
C MET C 228 -26.81 4.88 -4.52
N LYS C 229 -26.64 3.93 -5.43
CA LYS C 229 -26.25 2.56 -5.08
C LYS C 229 -24.92 2.52 -4.31
N PRO C 230 -24.79 1.58 -3.35
CA PRO C 230 -23.58 1.50 -2.51
C PRO C 230 -22.29 1.08 -3.25
N ASP C 231 -22.43 0.59 -4.48
CA ASP C 231 -21.29 0.26 -5.34
C ASP C 231 -21.31 1.07 -6.65
N SER C 232 -21.95 2.25 -6.61
CA SER C 232 -22.09 3.07 -7.82
C SER C 232 -20.81 3.85 -8.13
N LEU C 233 -20.72 4.36 -9.35
CA LEU C 233 -19.63 5.24 -9.75
C LEU C 233 -20.14 6.60 -10.22
N PHE C 234 -19.75 7.65 -9.51
CA PHE C 234 -20.16 9.01 -9.85
C PHE C 234 -19.09 9.70 -10.66
N VAL C 235 -19.48 10.30 -11.78
CA VAL C 235 -18.51 10.90 -12.70
C VAL C 235 -18.83 12.37 -12.94
N ASN C 236 -17.86 13.24 -12.72
CA ASN C 236 -18.02 14.65 -13.07
C ASN C 236 -16.88 15.16 -13.93
N THR C 237 -17.13 15.31 -15.23
CA THR C 237 -16.20 15.97 -16.17
C THR C 237 -16.78 17.30 -16.64
N SER C 238 -17.71 17.83 -15.87
CA SER C 238 -18.32 19.11 -16.20
C SER C 238 -17.80 20.27 -15.37
N ARG C 239 -18.36 20.48 -14.19
CA ARG C 239 -17.93 21.52 -13.26
C ARG C 239 -18.27 21.05 -11.86
N ALA C 240 -17.32 21.20 -10.94
CA ALA C 240 -17.50 20.76 -9.56
C ALA C 240 -18.67 21.46 -8.89
N GLU C 241 -18.87 22.74 -9.23
CA GLU C 241 -19.90 23.59 -8.62
C GLU C 241 -21.36 23.19 -8.96
N LEU C 242 -21.52 22.23 -9.89
CA LEU C 242 -22.82 21.59 -10.13
C LEU C 242 -23.27 20.79 -8.92
N VAL C 243 -22.30 20.39 -8.10
CA VAL C 243 -22.53 19.54 -6.94
C VAL C 243 -22.36 20.38 -5.69
N GLU C 244 -23.33 20.29 -4.78
CA GLU C 244 -23.30 20.97 -3.50
C GLU C 244 -21.92 20.94 -2.86
N SER C 245 -21.44 22.11 -2.43
CA SER C 245 -20.08 22.28 -1.93
C SER C 245 -19.70 21.30 -0.83
N GLY C 246 -18.63 20.56 -1.06
CA GLY C 246 -18.10 19.59 -0.10
C GLY C 246 -18.80 18.24 -0.08
N ALA C 247 -19.97 18.17 -0.71
CA ALA C 247 -20.83 16.99 -0.60
C ALA C 247 -20.19 15.72 -1.17
N LEU C 248 -19.51 15.84 -2.31
CA LEU C 248 -18.86 14.69 -2.91
C LEU C 248 -17.78 14.10 -1.99
N TYR C 249 -16.91 14.97 -1.47
CA TYR C 249 -15.86 14.49 -0.56
C TYR C 249 -16.47 13.80 0.66
N SER C 250 -17.41 14.46 1.30
CA SER C 250 -18.02 13.93 2.52
C SER C 250 -18.59 12.53 2.28
N VAL C 251 -19.26 12.34 1.14
CA VAL C 251 -19.92 11.06 0.81
C VAL C 251 -18.94 9.96 0.43
N MET C 252 -17.95 10.29 -0.40
CA MET C 252 -16.94 9.31 -0.79
C MET C 252 -16.08 8.83 0.40
N GLN C 253 -15.72 9.77 1.28
CA GLN C 253 -14.95 9.43 2.47
C GLN C 253 -15.73 8.45 3.34
N ALA C 254 -17.03 8.70 3.47
CA ALA C 254 -17.93 7.87 4.30
C ALA C 254 -18.21 6.47 3.71
N ASN C 255 -18.01 6.32 2.41
CA ASN C 255 -18.42 5.08 1.72
C ASN C 255 -17.34 4.53 0.80
N PRO C 256 -16.35 3.82 1.36
CA PRO C 256 -15.22 3.30 0.57
C PRO C 256 -15.59 2.27 -0.48
N MET C 257 -16.79 1.71 -0.40
CA MET C 257 -17.24 0.79 -1.44
C MET C 257 -17.80 1.51 -2.66
N ARG C 258 -18.19 2.77 -2.48
CA ARG C 258 -18.58 3.62 -3.60
C ARG C 258 -17.36 4.21 -4.28
N GLN C 259 -17.54 4.64 -5.52
CA GLN C 259 -16.45 5.23 -6.29
C GLN C 259 -16.85 6.54 -6.95
N ALA C 260 -15.83 7.34 -7.31
CA ALA C 260 -16.05 8.56 -8.05
C ALA C 260 -14.89 8.78 -9.00
N ALA C 261 -15.12 9.53 -10.06
CA ALA C 261 -14.08 9.96 -10.97
C ALA C 261 -14.38 11.42 -11.34
N VAL C 262 -13.39 12.29 -11.15
CA VAL C 262 -13.56 13.72 -11.44
C VAL C 262 -12.42 14.30 -12.28
N ASP C 263 -12.75 15.23 -13.15
CA ASP C 263 -11.79 15.93 -14.00
C ASP C 263 -11.68 17.38 -13.56
N VAL C 264 -12.60 17.77 -12.69
CA VAL C 264 -12.87 19.17 -12.40
C VAL C 264 -13.05 19.40 -10.89
N TYR C 265 -12.75 20.62 -10.45
CA TYR C 265 -12.65 20.95 -9.01
C TYR C 265 -13.09 22.39 -8.76
N GLU C 266 -13.46 22.69 -7.52
CA GLU C 266 -13.89 24.05 -7.16
C GLU C 266 -12.80 25.09 -7.39
N ASN C 267 -11.57 24.73 -7.07
CA ASN C 267 -10.43 25.57 -7.37
C ASN C 267 -9.37 24.78 -8.15
N GLU C 268 -9.05 25.29 -9.33
CA GLU C 268 -8.05 24.68 -10.18
C GLU C 268 -6.93 25.69 -10.42
N PRO C 269 -5.66 25.26 -10.33
CA PRO C 269 -5.13 23.94 -9.93
C PRO C 269 -5.65 23.45 -8.58
N ALA C 270 -5.99 22.17 -8.50
CA ALA C 270 -6.36 21.55 -7.23
C ALA C 270 -5.13 20.84 -6.68
N LEU C 271 -4.81 21.11 -5.41
CA LEU C 271 -3.56 20.64 -4.82
C LEU C 271 -3.79 19.70 -3.65
N PRO C 272 -2.87 18.74 -3.43
CA PRO C 272 -2.93 17.86 -2.27
C PRO C 272 -2.90 18.65 -0.98
N ASN C 273 -3.53 18.11 0.07
CA ASN C 273 -3.63 18.79 1.37
C ASN C 273 -4.44 20.08 1.37
N ASN C 274 -5.12 20.30 0.25
CA ASN C 274 -5.96 21.45 0.03
C ASN C 274 -7.31 20.95 -0.52
N GLU C 275 -7.28 20.40 -1.73
CA GLU C 275 -8.42 19.67 -2.30
C GLU C 275 -8.59 18.33 -1.56
N PRO C 276 -9.66 18.18 -0.76
CA PRO C 276 -9.79 16.94 0.01
C PRO C 276 -9.99 15.68 -0.85
N LEU C 277 -10.56 15.83 -2.05
CA LEU C 277 -10.77 14.69 -2.94
C LEU C 277 -9.50 13.96 -3.33
N LEU C 278 -8.37 14.65 -3.30
CA LEU C 278 -7.08 14.05 -3.66
C LEU C 278 -6.52 13.04 -2.64
N SER C 279 -7.19 12.92 -1.50
CA SER C 279 -6.74 12.00 -0.45
C SER C 279 -7.63 10.76 -0.28
N LEU C 280 -8.46 10.45 -1.28
CA LEU C 280 -9.32 9.26 -1.19
C LEU C 280 -8.95 8.22 -2.24
N PRO C 281 -8.63 6.99 -1.80
CA PRO C 281 -8.35 5.92 -2.77
C PRO C 281 -9.53 5.62 -3.70
N ASN C 282 -10.76 5.87 -3.24
CA ASN C 282 -11.95 5.57 -4.04
C ASN C 282 -12.41 6.69 -4.99
N VAL C 283 -11.62 7.75 -5.11
CA VAL C 283 -11.90 8.81 -6.09
C VAL C 283 -10.74 8.93 -7.08
N LEU C 284 -11.03 8.73 -8.35
CA LEU C 284 -10.06 8.97 -9.39
C LEU C 284 -10.07 10.46 -9.70
N CYS C 285 -8.91 11.10 -9.58
CA CYS C 285 -8.76 12.54 -9.80
C CYS C 285 -7.83 12.83 -10.98
N ALA C 286 -8.37 13.46 -12.02
CA ALA C 286 -7.56 13.86 -13.18
C ALA C 286 -7.50 15.38 -13.26
N PRO C 287 -6.39 15.94 -13.80
CA PRO C 287 -6.16 17.39 -13.81
C PRO C 287 -6.79 18.15 -15.00
N HIS C 288 -8.12 18.22 -15.01
CA HIS C 288 -8.90 18.85 -16.08
C HIS C 288 -8.40 18.55 -17.46
N LEU C 289 -8.37 17.26 -17.79
CA LEU C 289 -7.83 16.79 -19.05
C LEU C 289 -8.80 16.80 -20.24
N GLY C 290 -10.11 16.83 -19.96
CA GLY C 290 -11.13 16.73 -21.03
C GLY C 290 -10.69 17.32 -22.36
N TYR C 291 -10.39 18.62 -22.35
CA TYR C 291 -10.05 19.34 -23.58
C TYR C 291 -8.56 19.36 -23.91
N VAL C 292 -7.75 18.80 -23.03
CA VAL C 292 -6.29 18.86 -23.15
C VAL C 292 -5.82 17.68 -24.01
N GLU C 293 -5.65 17.95 -25.30
CA GLU C 293 -5.43 16.91 -26.30
C GLU C 293 -4.90 17.56 -27.58
N LYS C 294 -4.08 16.81 -28.34
CA LYS C 294 -3.42 17.34 -29.56
C LYS C 294 -4.39 18.03 -30.53
N ASN C 295 -5.30 17.24 -31.11
CA ASN C 295 -6.30 17.75 -32.06
C ASN C 295 -7.17 18.87 -31.50
N SER C 296 -7.67 18.66 -30.29
CA SER C 296 -8.42 19.70 -29.55
C SER C 296 -7.66 21.04 -29.44
N TYR C 297 -6.40 20.98 -29.01
CA TYR C 297 -5.53 22.17 -28.95
C TYR C 297 -5.28 22.81 -30.32
N GLU C 298 -5.15 22.00 -31.36
CA GLU C 298 -4.95 22.57 -32.70
C GLU C 298 -6.18 23.39 -33.10
N ILE C 299 -7.37 22.86 -32.81
CA ILE C 299 -8.64 23.54 -33.10
C ILE C 299 -8.75 24.83 -32.28
N TYR C 300 -8.54 24.73 -30.97
CA TYR C 300 -8.63 25.90 -30.08
C TYR C 300 -7.75 27.05 -30.53
N PHE C 301 -6.50 26.74 -30.81
CA PHE C 301 -5.53 27.77 -31.08
C PHE C 301 -5.57 28.26 -32.53
N GLN C 302 -5.94 27.39 -33.48
CA GLN C 302 -6.10 27.87 -34.86
C GLN C 302 -7.16 28.96 -34.92
N ALA C 303 -8.26 28.77 -34.19
CA ALA C 303 -9.37 29.72 -34.18
C ALA C 303 -9.03 30.96 -33.35
N ALA C 304 -8.42 30.75 -32.19
CA ALA C 304 -7.98 31.86 -31.35
C ALA C 304 -6.93 32.73 -32.05
N PHE C 305 -5.97 32.09 -32.72
CA PHE C 305 -4.93 32.84 -33.45
C PHE C 305 -5.47 33.50 -34.71
N GLU C 306 -6.51 32.90 -35.29
CA GLU C 306 -7.22 33.45 -36.44
C GLU C 306 -7.87 34.78 -36.04
N ASN C 307 -8.47 34.82 -34.86
CA ASN C 307 -9.11 36.03 -34.37
C ASN C 307 -8.10 37.12 -34.01
N VAL C 308 -6.94 36.72 -33.53
CA VAL C 308 -5.84 37.63 -33.29
C VAL C 308 -5.44 38.35 -34.58
N VAL C 309 -5.22 37.59 -35.65
CA VAL C 309 -4.80 38.17 -36.94
C VAL C 309 -5.94 38.94 -37.65
N LYS C 310 -7.19 38.56 -37.38
CA LYS C 310 -8.35 39.35 -37.79
C LYS C 310 -8.39 40.70 -37.08
N PHE C 311 -8.05 40.71 -35.79
CA PHE C 311 -8.01 41.95 -35.02
C PHE C 311 -6.86 42.84 -35.49
N ALA C 312 -5.71 42.23 -35.79
CA ALA C 312 -4.55 42.98 -36.28
C ALA C 312 -4.89 43.88 -37.48
N HIS C 313 -5.74 43.35 -38.35
CA HIS C 313 -6.22 43.98 -39.57
C HIS C 313 -7.57 44.63 -39.42
N SER C 314 -7.83 45.35 -38.35
CA SER C 314 -9.19 45.82 -38.05
C SER C 314 -9.37 47.29 -37.57
N ALA C 315 -8.40 47.88 -36.85
CA ALA C 315 -7.13 47.28 -36.44
C ALA C 315 -6.99 47.27 -34.92
N MET D 1 46.36 -26.11 17.48
CA MET D 1 46.10 -27.51 17.95
C MET D 1 45.02 -28.21 17.10
N MET D 2 43.78 -27.73 17.15
CA MET D 2 42.69 -28.34 16.39
C MET D 2 42.26 -27.49 15.22
N LYS D 3 41.89 -28.14 14.12
CA LYS D 3 41.24 -27.44 13.01
C LYS D 3 39.73 -27.42 13.28
N ILE D 4 39.18 -26.22 13.44
CA ILE D 4 37.82 -26.00 13.94
C ILE D 4 36.93 -25.28 12.93
N ALA D 5 35.73 -25.81 12.69
CA ALA D 5 34.74 -25.13 11.85
C ALA D 5 33.51 -24.68 12.63
N ILE D 6 33.05 -23.48 12.31
CA ILE D 6 31.79 -22.96 12.82
C ILE D 6 30.87 -22.72 11.64
N LEU D 7 29.70 -23.36 11.66
CA LEU D 7 28.75 -23.24 10.56
C LEU D 7 27.72 -22.15 10.81
N ASP D 8 27.14 -21.63 9.73
CA ASP D 8 25.84 -20.93 9.78
C ASP D 8 25.82 -19.53 10.43
N ASP D 9 26.98 -18.86 10.49
CA ASP D 9 27.06 -17.51 11.03
C ASP D 9 26.67 -16.50 9.97
N TYR D 10 25.36 -16.37 9.72
CA TYR D 10 24.87 -15.60 8.58
C TYR D 10 25.36 -14.17 8.53
N GLN D 11 25.42 -13.51 9.69
CA GLN D 11 25.85 -12.12 9.71
C GLN D 11 27.36 -11.90 9.86
N ASN D 12 28.13 -12.98 10.03
CA ASN D 12 29.60 -12.91 10.18
C ASN D 12 29.98 -12.09 11.42
N VAL D 13 29.39 -12.45 12.55
CA VAL D 13 29.53 -11.71 13.81
C VAL D 13 30.27 -12.50 14.89
N VAL D 14 30.44 -13.81 14.67
CA VAL D 14 31.12 -14.66 15.64
C VAL D 14 32.57 -14.23 15.84
N ARG D 15 33.29 -13.96 14.74
CA ARG D 15 34.71 -13.57 14.84
C ARG D 15 34.93 -12.33 15.71
N GLY D 16 33.93 -11.44 15.76
CA GLY D 16 34.03 -10.21 16.54
C GLY D 16 33.62 -10.32 18.00
N LEU D 17 33.12 -11.49 18.42
CA LEU D 17 32.75 -11.70 19.83
C LEU D 17 33.96 -11.79 20.77
N ASN D 18 33.82 -11.26 21.98
CA ASN D 18 34.82 -11.44 23.03
C ASN D 18 35.16 -12.92 23.23
N ALA D 19 34.14 -13.77 23.15
CA ALA D 19 34.29 -15.23 23.28
C ALA D 19 35.27 -15.84 22.26
N PHE D 20 35.37 -15.24 21.07
CA PHE D 20 36.26 -15.73 20.02
C PHE D 20 37.72 -15.78 20.47
N GLN D 21 38.05 -14.99 21.49
CA GLN D 21 39.37 -14.98 22.13
C GLN D 21 39.77 -16.34 22.67
N CYS D 22 38.79 -17.11 23.16
CA CYS D 22 39.04 -18.45 23.71
C CYS D 22 39.71 -19.39 22.71
N LEU D 23 39.54 -19.10 21.42
CA LEU D 23 40.08 -19.93 20.35
C LEU D 23 41.48 -19.50 19.89
N GLN D 24 42.14 -18.64 20.68
CA GLN D 24 43.51 -18.20 20.40
C GLN D 24 44.44 -19.40 20.19
N GLY D 25 45.29 -19.34 19.18
CA GLY D 25 46.22 -20.42 18.86
C GLY D 25 45.57 -21.70 18.35
N HIS D 26 44.45 -21.54 17.65
CA HIS D 26 43.76 -22.65 16.97
C HIS D 26 43.46 -22.27 15.55
N ASP D 27 43.33 -23.26 14.68
CA ASP D 27 43.00 -23.01 13.27
C ASP D 27 41.47 -22.99 13.10
N VAL D 28 40.89 -21.79 13.01
CA VAL D 28 39.42 -21.63 13.02
C VAL D 28 38.89 -21.04 11.72
N THR D 29 37.85 -21.66 11.18
CA THR D 29 37.11 -21.12 10.04
C THR D 29 35.63 -20.99 10.37
N VAL D 30 35.11 -19.79 10.18
CA VAL D 30 33.70 -19.49 10.40
C VAL D 30 33.04 -19.31 9.04
N PHE D 31 32.07 -20.17 8.74
CA PHE D 31 31.32 -20.08 7.50
C PHE D 31 30.11 -19.20 7.73
N ASN D 32 29.73 -18.43 6.71
CA ASN D 32 28.71 -17.39 6.87
C ASN D 32 27.48 -17.55 5.98
N ASP D 33 27.41 -18.66 5.25
CA ASP D 33 26.26 -18.96 4.39
C ASP D 33 25.38 -20.06 4.98
N SER D 34 24.28 -20.35 4.28
CA SER D 34 23.38 -21.42 4.68
C SER D 34 23.48 -22.54 3.64
N VAL D 35 24.17 -23.61 4.03
CA VAL D 35 24.30 -24.79 3.18
C VAL D 35 23.54 -25.98 3.80
N SER D 36 22.50 -26.44 3.10
CA SER D 36 21.77 -27.64 3.50
C SER D 36 22.18 -28.86 2.67
N ASP D 37 22.75 -28.60 1.49
CA ASP D 37 23.22 -29.65 0.60
C ASP D 37 24.29 -30.48 1.28
N GLU D 38 24.01 -31.77 1.48
CA GLU D 38 24.90 -32.63 2.27
C GLU D 38 26.24 -32.98 1.64
N THR D 39 26.30 -33.08 0.31
CA THR D 39 27.60 -33.34 -0.35
C THR D 39 28.49 -32.09 -0.29
N VAL D 40 27.88 -30.92 -0.44
CA VAL D 40 28.59 -29.65 -0.26
C VAL D 40 29.14 -29.61 1.17
N LEU D 41 28.29 -29.98 2.13
CA LEU D 41 28.67 -30.04 3.54
C LEU D 41 29.80 -31.01 3.81
N ILE D 42 29.73 -32.18 3.17
CA ILE D 42 30.75 -33.22 3.34
C ILE D 42 32.10 -32.72 2.84
N GLU D 43 32.10 -32.09 1.67
CA GLU D 43 33.32 -31.52 1.10
C GLU D 43 33.87 -30.42 2.00
N ARG D 44 32.99 -29.52 2.44
CA ARG D 44 33.34 -28.43 3.36
C ARG D 44 33.99 -28.92 4.66
N LEU D 45 33.44 -29.99 5.24
CA LEU D 45 33.82 -30.39 6.59
C LEU D 45 34.90 -31.46 6.68
N LYS D 46 35.24 -32.09 5.55
CA LYS D 46 36.23 -33.19 5.54
C LYS D 46 37.53 -32.90 6.29
N PRO D 47 38.18 -31.74 6.06
CA PRO D 47 39.47 -31.52 6.73
C PRO D 47 39.40 -31.15 8.22
N PHE D 48 38.19 -31.05 8.77
CA PHE D 48 38.02 -30.57 10.15
C PHE D 48 38.00 -31.64 11.23
N GLU D 49 38.52 -31.26 12.40
CA GLU D 49 38.57 -32.13 13.58
C GLU D 49 37.48 -31.76 14.60
N ALA D 50 37.08 -30.50 14.62
CA ALA D 50 36.06 -30.02 15.54
C ALA D 50 35.02 -29.19 14.82
N LEU D 51 33.76 -29.40 15.18
CA LEU D 51 32.65 -28.67 14.60
C LEU D 51 31.88 -27.90 15.68
N VAL D 52 31.75 -26.60 15.49
CA VAL D 52 30.91 -25.77 16.36
C VAL D 52 29.58 -25.50 15.65
N LEU D 53 28.49 -25.92 16.29
CA LEU D 53 27.17 -25.75 15.71
C LEU D 53 26.42 -24.63 16.39
N ILE D 54 25.64 -23.89 15.60
CA ILE D 54 24.82 -22.82 16.12
C ILE D 54 23.37 -23.29 16.28
N ARG D 55 23.00 -23.63 17.52
CA ARG D 55 21.70 -24.20 17.82
CA ARG D 55 21.68 -24.18 17.79
C ARG D 55 21.32 -25.25 16.76
N GLU D 56 20.19 -25.09 16.07
CA GLU D 56 19.68 -26.12 15.16
C GLU D 56 19.76 -25.79 13.67
N ARG D 57 20.72 -24.96 13.30
CA ARG D 57 20.77 -24.47 11.93
C ARG D 57 21.21 -25.52 10.90
N THR D 58 22.04 -26.46 11.32
CA THR D 58 22.40 -27.59 10.48
C THR D 58 22.16 -28.91 11.23
N PRO D 59 21.46 -29.86 10.58
CA PRO D 59 21.24 -31.18 11.17
C PRO D 59 22.45 -32.09 10.95
N ILE D 60 22.72 -32.96 11.92
CA ILE D 60 23.84 -33.90 11.84
C ILE D 60 23.30 -35.30 11.59
N THR D 61 23.40 -35.74 10.34
CA THR D 61 22.81 -37.00 9.90
C THR D 61 23.86 -38.11 9.81
N GLU D 62 23.39 -39.34 9.63
CA GLU D 62 24.25 -40.50 9.44
C GLU D 62 25.11 -40.32 8.20
N ASN D 63 24.51 -39.80 7.13
CA ASN D 63 25.25 -39.49 5.91
C ASN D 63 26.44 -38.56 6.15
N LEU D 64 26.25 -37.56 7.01
CA LEU D 64 27.30 -36.61 7.32
C LEU D 64 28.41 -37.27 8.13
N LEU D 65 28.02 -37.96 9.21
CA LEU D 65 28.96 -38.61 10.12
C LEU D 65 29.78 -39.72 9.46
N ALA D 66 29.15 -40.48 8.58
CA ALA D 66 29.82 -41.62 7.93
C ALA D 66 30.87 -41.17 6.90
N HIS D 67 30.83 -39.89 6.51
CA HIS D 67 31.77 -39.37 5.50
C HIS D 67 32.72 -38.33 6.03
N LEU D 68 32.84 -38.26 7.35
CA LEU D 68 33.72 -37.29 8.02
C LEU D 68 34.66 -37.96 9.02
N PRO D 69 35.61 -38.77 8.52
CA PRO D 69 36.42 -39.60 9.43
C PRO D 69 37.39 -38.83 10.32
N ASN D 70 37.68 -37.58 9.97
CA ASN D 70 38.54 -36.72 10.76
C ASN D 70 37.83 -36.00 11.91
N LEU D 71 36.51 -35.96 11.87
CA LEU D 71 35.74 -35.30 12.93
C LEU D 71 35.87 -36.03 14.26
N LYS D 72 36.21 -35.30 15.30
CA LYS D 72 36.37 -35.86 16.65
C LYS D 72 35.45 -35.19 17.67
N LEU D 73 35.10 -33.94 17.42
CA LEU D 73 34.28 -33.19 18.38
C LEU D 73 33.21 -32.34 17.73
N ILE D 74 31.99 -32.48 18.21
CA ILE D 74 30.95 -31.51 17.93
C ILE D 74 30.68 -30.74 19.24
N SER D 75 30.90 -29.43 19.20
CA SER D 75 30.60 -28.56 20.33
C SER D 75 29.32 -27.78 20.04
N GLN D 76 28.23 -28.17 20.70
CA GLN D 76 26.91 -27.57 20.54
C GLN D 76 26.78 -26.28 21.37
N THR D 77 26.27 -25.22 20.75
CA THR D 77 25.86 -24.02 21.49
C THR D 77 24.48 -24.30 22.08
N GLY D 78 24.32 -24.07 23.38
CA GLY D 78 23.11 -24.47 24.09
C GLY D 78 23.01 -25.98 24.15
N LYS D 79 21.81 -26.51 24.36
CA LYS D 79 21.60 -27.95 24.53
C LYS D 79 21.55 -28.66 23.18
N VAL D 80 21.90 -29.95 23.20
CA VAL D 80 21.57 -30.84 22.06
C VAL D 80 20.06 -30.85 21.85
N SER D 81 19.64 -31.11 20.62
CA SER D 81 18.22 -31.07 20.29
C SER D 81 17.92 -32.01 19.12
N ASN D 82 16.76 -31.81 18.51
CA ASN D 82 16.26 -32.62 17.39
C ASN D 82 17.15 -32.69 16.16
N HIS D 83 18.12 -31.77 16.07
CA HIS D 83 18.98 -31.65 14.91
C HIS D 83 20.18 -32.55 14.97
N ILE D 84 20.42 -33.14 16.13
CA ILE D 84 21.61 -33.96 16.37
C ILE D 84 21.25 -35.24 17.13
N ASP D 85 21.93 -36.33 16.77
CA ASP D 85 21.71 -37.63 17.35
C ASP D 85 22.98 -38.06 18.10
N VAL D 86 23.02 -37.78 19.41
CA VAL D 86 24.23 -38.03 20.20
C VAL D 86 24.68 -39.51 20.16
N PRO D 87 23.78 -40.47 20.44
CA PRO D 87 24.27 -41.86 20.38
C PRO D 87 24.88 -42.20 19.01
N LEU D 88 24.29 -41.70 17.92
CA LEU D 88 24.82 -41.93 16.57
C LEU D 88 26.19 -41.26 16.33
N CYS D 89 26.36 -40.04 16.84
CA CYS D 89 27.69 -39.39 16.79
C CYS D 89 28.79 -40.21 17.46
N GLU D 90 28.49 -40.77 18.63
CA GLU D 90 29.48 -41.51 19.40
C GLU D 90 29.80 -42.84 18.72
N ARG D 91 28.81 -43.39 18.03
CA ARG D 91 28.96 -44.59 17.20
C ARG D 91 29.99 -44.35 16.08
N TYR D 92 30.08 -43.12 15.59
CA TYR D 92 31.09 -42.76 14.60
C TYR D 92 32.31 -42.08 15.23
N GLY D 93 32.48 -42.28 16.54
CA GLY D 93 33.67 -41.82 17.25
C GLY D 93 33.73 -40.32 17.52
N VAL D 94 32.61 -39.62 17.33
CA VAL D 94 32.55 -38.17 17.53
C VAL D 94 32.02 -37.82 18.92
N THR D 95 32.85 -37.12 19.70
CA THR D 95 32.42 -36.62 21.02
C THR D 95 31.51 -35.40 20.84
N VAL D 96 30.38 -35.40 21.53
CA VAL D 96 29.47 -34.26 21.54
C VAL D 96 29.49 -33.61 22.91
N LEU D 97 29.91 -32.35 22.96
CA LEU D 97 29.84 -31.55 24.19
C LEU D 97 28.81 -30.44 23.99
N GLU D 98 28.07 -30.12 25.05
CA GLU D 98 27.05 -29.09 24.98
C GLU D 98 27.26 -27.95 25.97
N GLY D 99 26.58 -26.84 25.72
CA GLY D 99 26.67 -25.69 26.60
C GLY D 99 25.36 -25.43 27.29
N ILE D 100 25.25 -24.22 27.83
CA ILE D 100 24.03 -23.78 28.50
C ILE D 100 23.42 -22.63 27.70
N GLY D 101 22.10 -22.66 27.54
CA GLY D 101 21.37 -21.55 26.91
C GLY D 101 20.96 -20.47 27.90
N SER D 102 20.48 -19.34 27.38
CA SER D 102 19.95 -18.27 28.23
C SER D 102 18.55 -17.92 27.70
N PRO D 103 17.56 -17.75 28.61
CA PRO D 103 16.21 -17.44 28.13
C PRO D 103 15.95 -15.94 27.97
N VAL D 104 16.90 -15.11 28.37
CA VAL D 104 16.70 -13.65 28.43
C VAL D 104 16.40 -13.03 27.06
N ALA D 105 17.31 -13.23 26.10
CA ALA D 105 17.14 -12.70 24.74
C ALA D 105 15.87 -13.19 24.04
N PRO D 106 15.60 -14.52 24.05
CA PRO D 106 14.38 -15.05 23.41
C PRO D 106 13.09 -14.53 24.04
N ALA D 107 13.09 -14.30 25.35
CA ALA D 107 11.93 -13.74 26.04
C ALA D 107 11.68 -12.29 25.61
N GLU D 108 12.74 -11.48 25.60
CA GLU D 108 12.65 -10.10 25.12
C GLU D 108 12.24 -10.04 23.64
N LEU D 109 12.77 -10.95 22.82
CA LEU D 109 12.43 -10.97 21.40
C LEU D 109 10.95 -11.33 21.20
N CYS D 110 10.47 -12.32 21.94
CA CYS D 110 9.05 -12.72 21.87
C CYS D 110 8.13 -11.56 22.24
N TRP D 111 8.52 -10.79 23.26
CA TRP D 111 7.76 -9.61 23.64
C TRP D 111 7.80 -8.54 22.58
N SER D 112 8.96 -8.37 21.95
CA SER D 112 9.11 -7.43 20.86
C SER D 112 8.15 -7.73 19.71
N LEU D 113 8.03 -9.02 19.37
CA LEU D 113 7.10 -9.48 18.33
C LEU D 113 5.64 -9.26 18.71
N ILE D 114 5.29 -9.57 19.96
CA ILE D 114 3.92 -9.37 20.47
C ILE D 114 3.49 -7.89 20.37
N LEU D 115 4.36 -6.98 20.80
CA LEU D 115 4.07 -5.55 20.72
C LEU D 115 4.10 -4.98 19.31
N ALA D 116 5.09 -5.41 18.52
CA ALA D 116 5.18 -4.99 17.12
C ALA D 116 3.96 -5.41 16.31
N ALA D 117 3.49 -6.63 16.51
CA ALA D 117 2.32 -7.14 15.78
C ALA D 117 1.04 -6.47 16.27
N SER D 118 0.91 -6.33 17.58
CA SER D 118 -0.25 -5.70 18.20
C SER D 118 -0.44 -4.28 17.70
N ARG D 119 0.66 -3.57 17.48
CA ARG D 119 0.63 -2.16 17.03
C ARG D 119 0.94 -1.97 15.53
N HIS D 120 1.08 -3.08 14.80
CA HIS D 120 1.41 -3.05 13.35
C HIS D 120 2.58 -2.14 13.06
N LEU D 121 3.60 -2.26 13.90
CA LEU D 121 4.76 -1.37 13.87
C LEU D 121 5.55 -1.42 12.55
N PRO D 122 5.96 -2.62 12.08
CA PRO D 122 6.73 -2.64 10.83
C PRO D 122 5.98 -2.02 9.65
N SER D 123 4.67 -2.29 9.56
CA SER D 123 3.83 -1.76 8.47
C SER D 123 3.79 -0.24 8.50
N TYR D 124 3.51 0.31 9.67
CA TYR D 124 3.48 1.76 9.83
C TYR D 124 4.82 2.40 9.43
N ILE D 125 5.93 1.81 9.85
CA ILE D 125 7.27 2.35 9.59
C ILE D 125 7.62 2.29 8.09
N GLU D 126 7.37 1.13 7.50
CA GLU D 126 7.50 0.92 6.06
C GLU D 126 6.72 1.96 5.25
N GLN D 127 5.44 2.14 5.58
CA GLN D 127 4.57 3.09 4.87
C GLN D 127 5.03 4.54 5.04
N LEU D 128 5.53 4.86 6.24
CA LEU D 128 6.13 6.17 6.50
C LEU D 128 7.29 6.47 5.54
N HIS D 129 8.20 5.50 5.37
CA HIS D 129 9.35 5.68 4.48
C HIS D 129 8.96 5.73 3.03
N ALA D 130 7.77 5.22 2.72
CA ALA D 130 7.21 5.32 1.37
C ALA D 130 6.42 6.63 1.16
N GLY D 131 6.35 7.46 2.20
CA GLY D 131 5.74 8.79 2.08
C GLY D 131 4.29 8.89 2.54
N HIS D 132 3.80 7.89 3.25
CA HIS D 132 2.42 7.87 3.72
C HIS D 132 2.37 7.95 5.22
N TRP D 133 1.81 9.05 5.72
CA TRP D 133 1.76 9.30 7.15
C TRP D 133 0.69 8.50 7.81
N GLN D 134 1.10 7.66 8.76
CA GLN D 134 0.20 6.94 9.63
C GLN D 134 -0.69 5.99 8.84
N GLN D 135 -0.08 5.23 7.94
CA GLN D 135 -0.77 4.20 7.17
C GLN D 135 -0.01 2.91 7.39
N ASN D 136 -0.69 1.78 7.20
CA ASN D 136 -0.05 0.48 7.44
C ASN D 136 -0.49 -0.62 6.47
N GLY D 137 -1.00 -0.21 5.30
CA GLY D 137 -1.46 -1.16 4.29
C GLY D 137 -2.85 -1.72 4.55
N GLY D 138 -3.71 -0.92 5.18
CA GLY D 138 -5.10 -1.31 5.39
C GLY D 138 -5.36 -2.26 6.55
N LEU D 139 -4.45 -2.30 7.51
CA LEU D 139 -4.58 -3.21 8.66
C LEU D 139 -5.38 -2.59 9.82
N GLY D 140 -5.68 -1.29 9.72
CA GLY D 140 -6.48 -0.62 10.73
C GLY D 140 -5.71 -0.35 12.01
N LEU D 141 -6.43 0.07 13.05
CA LEU D 141 -5.80 0.43 14.31
C LEU D 141 -5.15 -0.77 14.98
N GLY D 142 -3.97 -0.53 15.56
CA GLY D 142 -3.33 -1.49 16.43
C GLY D 142 -4.10 -1.57 17.74
N ARG D 143 -3.72 -2.50 18.60
CA ARG D 143 -4.41 -2.64 19.88
C ARG D 143 -3.47 -2.82 21.07
N THR D 144 -3.92 -2.35 22.22
CA THR D 144 -3.12 -2.39 23.44
C THR D 144 -3.18 -3.78 24.08
N LEU D 145 -2.21 -4.08 24.93
CA LEU D 145 -2.19 -5.36 25.59
C LEU D 145 -2.90 -5.28 26.95
N SER D 146 -2.88 -4.08 27.52
CA SER D 146 -3.47 -3.83 28.83
C SER D 146 -4.88 -4.40 28.96
N GLY D 147 -5.06 -5.29 29.92
CA GLY D 147 -6.38 -5.84 30.23
C GLY D 147 -6.79 -7.03 29.38
N ARG D 148 -6.00 -7.32 28.35
CA ARG D 148 -6.22 -8.52 27.54
C ARG D 148 -5.49 -9.71 28.17
N THR D 149 -6.08 -10.90 28.06
CA THR D 149 -5.52 -12.10 28.67
C THR D 149 -4.36 -12.70 27.88
N LEU D 150 -3.20 -12.80 28.53
CA LEU D 150 -2.06 -13.47 27.95
C LEU D 150 -2.12 -14.95 28.28
N GLY D 151 -2.48 -15.75 27.28
CA GLY D 151 -2.41 -17.19 27.37
C GLY D 151 -1.01 -17.67 27.10
N ILE D 152 -0.42 -18.37 28.08
CA ILE D 152 0.92 -18.89 27.94
C ILE D 152 0.88 -20.42 28.01
N TRP D 153 1.38 -21.08 26.97
CA TRP D 153 1.50 -22.53 26.99
C TRP D 153 2.93 -22.93 27.30
N GLY D 154 3.16 -23.29 28.57
CA GLY D 154 4.48 -23.65 29.06
C GLY D 154 5.13 -22.53 29.86
N LEU D 155 5.28 -22.72 31.17
CA LEU D 155 5.86 -21.70 32.05
C LEU D 155 7.30 -22.01 32.47
N GLY D 156 8.11 -22.42 31.50
CA GLY D 156 9.52 -22.70 31.74
C GLY D 156 10.38 -21.46 31.76
N LYS D 157 11.65 -21.62 31.41
CA LYS D 157 12.64 -20.52 31.39
C LYS D 157 12.10 -19.28 30.70
N ILE D 158 11.53 -19.46 29.52
CA ILE D 158 11.04 -18.34 28.72
C ILE D 158 9.62 -17.91 29.13
N GLY D 159 8.73 -18.89 29.25
CA GLY D 159 7.32 -18.62 29.59
C GLY D 159 7.10 -17.82 30.87
N GLN D 160 7.86 -18.14 31.91
CA GLN D 160 7.80 -17.42 33.19
C GLN D 160 8.19 -15.94 33.06
N ARG D 161 9.14 -15.66 32.17
CA ARG D 161 9.57 -14.29 31.92
C ARG D 161 8.51 -13.52 31.14
N ILE D 162 7.90 -14.19 30.15
CA ILE D 162 6.79 -13.65 29.37
C ILE D 162 5.60 -13.30 30.28
N ALA D 163 5.37 -14.09 31.32
CA ALA D 163 4.30 -13.84 32.27
C ALA D 163 4.57 -12.56 33.07
N GLN D 164 5.82 -12.40 33.50
CA GLN D 164 6.26 -11.18 34.18
C GLN D 164 6.01 -9.96 33.31
N PHE D 165 6.36 -10.06 32.03
CA PHE D 165 6.12 -9.00 31.04
C PHE D 165 4.62 -8.71 30.93
N GLY D 166 3.83 -9.73 30.65
CA GLY D 166 2.37 -9.58 30.57
C GLY D 166 1.78 -8.94 31.83
N HIS D 167 2.28 -9.37 32.98
CA HIS D 167 1.77 -8.84 34.24
C HIS D 167 1.96 -7.34 34.34
N VAL D 168 3.19 -6.88 34.11
CA VAL D 168 3.50 -5.44 34.24
C VAL D 168 2.78 -4.62 33.16
N PHE D 169 2.47 -5.25 32.03
CA PHE D 169 1.67 -4.61 30.99
C PHE D 169 0.18 -4.66 31.32
N GLY D 170 -0.15 -5.16 32.51
CA GLY D 170 -1.53 -5.19 32.98
C GLY D 170 -2.37 -6.22 32.26
N MET D 171 -1.75 -7.34 31.92
CA MET D 171 -2.46 -8.46 31.30
C MET D 171 -2.72 -9.53 32.35
N PRO D 172 -3.94 -10.07 32.39
CA PRO D 172 -4.15 -11.29 33.17
C PRO D 172 -3.34 -12.41 32.53
N ILE D 173 -2.82 -13.32 33.35
CA ILE D 173 -2.02 -14.43 32.85
C ILE D 173 -2.79 -15.73 33.02
N LEU D 174 -3.02 -16.43 31.92
CA LEU D 174 -3.66 -17.72 31.93
C LEU D 174 -2.69 -18.75 31.36
N VAL D 175 -2.36 -19.76 32.18
CA VAL D 175 -1.35 -20.74 31.79
C VAL D 175 -1.95 -22.13 31.50
N TRP D 176 -1.46 -22.72 30.40
CA TRP D 176 -1.72 -24.12 30.06
C TRP D 176 -0.42 -24.88 29.90
N GLY D 177 -0.52 -26.21 29.84
CA GLY D 177 0.64 -27.08 29.66
C GLY D 177 0.63 -28.25 30.63
N SER D 178 1.82 -28.68 31.03
CA SER D 178 1.96 -29.76 32.00
C SER D 178 1.34 -29.34 33.33
N GLU D 179 1.11 -30.31 34.21
CA GLU D 179 0.62 -30.03 35.56
C GLU D 179 1.58 -29.11 36.30
N ALA D 180 2.89 -29.32 36.08
CA ALA D 180 3.93 -28.53 36.74
C ALA D 180 3.88 -27.05 36.38
N SER D 181 3.58 -26.77 35.11
CA SER D 181 3.42 -25.39 34.64
C SER D 181 2.20 -24.71 35.28
N ARG D 182 1.08 -25.43 35.36
CA ARG D 182 -0.13 -24.89 35.98
C ARG D 182 0.00 -24.63 37.50
N GLN D 183 0.66 -25.55 38.22
CA GLN D 183 0.92 -25.38 39.65
C GLN D 183 1.78 -24.14 39.89
N LYS D 184 2.86 -24.02 39.12
CA LYS D 184 3.78 -22.89 39.18
C LYS D 184 3.04 -21.57 38.94
N ALA D 185 2.15 -21.57 37.95
CA ALA D 185 1.34 -20.39 37.62
C ALA D 185 0.51 -19.90 38.81
N LEU D 186 -0.16 -20.83 39.50
CA LEU D 186 -0.98 -20.50 40.66
C LEU D 186 -0.12 -20.02 41.82
N GLU D 187 1.01 -20.69 42.01
CA GLU D 187 1.95 -20.34 43.07
C GLU D 187 2.51 -18.95 42.88
N LEU D 188 2.67 -18.55 41.61
CA LEU D 188 3.11 -17.20 41.29
C LEU D 188 1.96 -16.18 41.31
N GLY D 189 0.75 -16.67 41.50
CA GLY D 189 -0.43 -15.80 41.61
C GLY D 189 -1.23 -15.64 40.34
N TYR D 190 -0.81 -16.29 39.26
CA TYR D 190 -1.52 -16.23 37.98
C TYR D 190 -2.71 -17.19 37.94
N GLN D 191 -3.42 -17.22 36.81
CA GLN D 191 -4.50 -18.19 36.59
C GLN D 191 -3.97 -19.41 35.87
N ALA D 192 -4.60 -20.55 36.12
CA ALA D 192 -4.31 -21.77 35.37
C ALA D 192 -5.62 -22.23 34.73
N ALA D 193 -5.57 -22.58 33.45
CA ALA D 193 -6.75 -23.06 32.73
C ALA D 193 -7.01 -24.50 33.12
N ALA D 194 -8.28 -24.85 33.27
CA ALA D 194 -8.68 -26.21 33.66
C ALA D 194 -8.42 -27.20 32.52
N ASP D 195 -8.70 -26.76 31.29
CA ASP D 195 -8.45 -27.59 30.11
C ASP D 195 -7.95 -26.79 28.91
N LYS D 196 -7.69 -27.49 27.81
CA LYS D 196 -7.09 -26.91 26.63
C LYS D 196 -8.07 -26.01 25.91
N ALA D 197 -9.33 -26.44 25.87
CA ALA D 197 -10.42 -25.70 25.23
C ALA D 197 -10.65 -24.33 25.88
N GLU D 198 -10.65 -24.31 27.22
CA GLU D 198 -10.81 -23.07 27.98
C GLU D 198 -9.63 -22.12 27.68
N PHE D 199 -8.43 -22.68 27.61
CA PHE D 199 -7.23 -21.89 27.35
C PHE D 199 -7.27 -21.26 25.96
N PHE D 200 -7.66 -22.04 24.94
CA PHE D 200 -7.76 -21.53 23.57
C PHE D 200 -8.95 -20.60 23.36
N ALA D 201 -9.98 -20.74 24.20
CA ALA D 201 -11.16 -19.88 24.12
C ALA D 201 -10.92 -18.49 24.73
N LYS D 202 -10.25 -18.44 25.87
CA LYS D 202 -10.09 -17.19 26.63
C LYS D 202 -8.91 -16.30 26.20
N ALA D 203 -7.85 -16.89 25.67
CA ALA D 203 -6.63 -16.14 25.35
C ALA D 203 -6.83 -15.09 24.25
N ASP D 204 -6.42 -13.86 24.53
CA ASP D 204 -6.41 -12.78 23.53
C ASP D 204 -5.11 -12.82 22.75
N VAL D 205 -4.02 -13.04 23.49
CA VAL D 205 -2.70 -13.26 22.92
C VAL D 205 -2.26 -14.60 23.47
N LEU D 206 -1.93 -15.52 22.57
CA LEU D 206 -1.58 -16.89 22.93
C LEU D 206 -0.19 -17.21 22.39
N SER D 207 0.74 -17.51 23.30
CA SER D 207 2.17 -17.66 22.98
C SER D 207 2.67 -19.01 23.43
N LEU D 208 3.29 -19.74 22.49
CA LEU D 208 3.83 -21.09 22.75
C LEU D 208 5.25 -21.08 23.28
N HIS D 209 5.47 -21.80 24.37
CA HIS D 209 6.79 -21.93 24.98
C HIS D 209 7.00 -23.37 25.42
N LEU D 210 7.25 -24.21 24.40
CA LEU D 210 7.39 -25.64 24.59
C LEU D 210 8.57 -26.21 23.82
N ARG D 211 9.14 -27.29 24.36
CA ARG D 211 10.16 -28.07 23.71
C ARG D 211 9.47 -28.91 22.65
N LEU D 212 10.14 -29.13 21.51
CA LEU D 212 9.60 -30.00 20.48
C LEU D 212 10.14 -31.42 20.62
N ASN D 213 9.21 -32.36 20.82
CA ASN D 213 9.51 -33.79 20.79
C ASN D 213 8.33 -34.57 20.23
N ASP D 214 8.43 -35.90 20.29
CA ASP D 214 7.41 -36.79 19.74
C ASP D 214 6.05 -36.64 20.40
N ALA D 215 6.04 -36.28 21.68
CA ALA D 215 4.80 -35.98 22.40
C ALA D 215 4.18 -34.64 21.97
N THR D 216 5.02 -33.62 21.78
CA THR D 216 4.53 -32.27 21.48
C THR D 216 4.43 -31.94 19.98
N ARG D 217 4.91 -32.85 19.13
CA ARG D 217 4.78 -32.68 17.68
C ARG D 217 3.30 -32.62 17.29
N GLY D 218 2.89 -31.52 16.67
CA GLY D 218 1.50 -31.32 16.27
C GLY D 218 0.49 -31.21 17.40
N ILE D 219 0.96 -30.91 18.60
CA ILE D 219 0.09 -30.81 19.78
C ILE D 219 -0.93 -29.67 19.66
N VAL D 220 -0.68 -28.73 18.74
CA VAL D 220 -1.60 -27.65 18.46
C VAL D 220 -2.30 -27.89 17.12
N THR D 221 -3.57 -28.29 17.18
CA THR D 221 -4.32 -28.67 15.98
C THR D 221 -5.01 -27.48 15.31
N LYS D 222 -5.45 -27.68 14.07
CA LYS D 222 -6.23 -26.68 13.35
C LYS D 222 -7.53 -26.40 14.11
N GLN D 223 -8.08 -27.44 14.73
CA GLN D 223 -9.25 -27.36 15.61
C GLN D 223 -9.05 -26.32 16.73
N ASP D 224 -7.87 -26.36 17.35
CA ASP D 224 -7.56 -25.45 18.47
C ASP D 224 -7.43 -24.01 17.99
N LEU D 225 -6.85 -23.85 16.80
CA LEU D 225 -6.69 -22.54 16.18
C LEU D 225 -8.02 -21.89 15.82
N LEU D 226 -8.98 -22.71 15.38
CA LEU D 226 -10.29 -22.20 14.96
C LEU D 226 -11.16 -21.88 16.17
N ALA D 227 -10.79 -22.44 17.32
CA ALA D 227 -11.50 -22.20 18.57
C ALA D 227 -11.14 -20.85 19.18
N MET D 228 -10.11 -20.20 18.63
CA MET D 228 -9.59 -18.95 19.19
C MET D 228 -10.46 -17.75 18.80
N LYS D 229 -10.46 -16.73 19.67
CA LYS D 229 -11.18 -15.47 19.39
C LYS D 229 -10.89 -14.96 17.98
N PRO D 230 -11.92 -14.42 17.29
CA PRO D 230 -11.74 -13.94 15.92
C PRO D 230 -10.78 -12.75 15.77
N ASP D 231 -10.39 -12.12 16.87
CA ASP D 231 -9.40 -11.04 16.84
C ASP D 231 -8.14 -11.35 17.67
N SER D 232 -7.93 -12.62 17.97
CA SER D 232 -6.78 -13.05 18.78
C SER D 232 -5.44 -12.91 18.06
N LEU D 233 -4.36 -12.88 18.84
CA LEU D 233 -2.99 -12.96 18.31
C LEU D 233 -2.36 -14.28 18.70
N PHE D 234 -1.97 -15.07 17.69
CA PHE D 234 -1.26 -16.33 17.91
C PHE D 234 0.24 -16.12 17.77
N VAL D 235 0.99 -16.60 18.75
CA VAL D 235 2.43 -16.31 18.81
C VAL D 235 3.21 -17.62 18.94
N ASN D 236 4.15 -17.83 18.02
CA ASN D 236 5.01 -19.01 18.10
C ASN D 236 6.48 -18.64 17.94
N THR D 237 7.19 -18.60 19.06
CA THR D 237 8.63 -18.39 19.06
C THR D 237 9.36 -19.66 19.48
N SER D 238 8.65 -20.79 19.47
CA SER D 238 9.27 -22.06 19.83
C SER D 238 9.71 -22.93 18.65
N ARG D 239 8.76 -23.61 18.02
CA ARG D 239 9.03 -24.49 16.89
C ARG D 239 7.75 -24.57 16.08
N ALA D 240 7.89 -24.52 14.74
CA ALA D 240 6.73 -24.59 13.85
C ALA D 240 6.01 -25.94 13.92
N GLU D 241 6.77 -26.99 14.23
CA GLU D 241 6.29 -28.37 14.19
C GLU D 241 5.39 -28.69 15.40
N LEU D 242 5.25 -27.74 16.33
CA LEU D 242 4.34 -27.90 17.48
C LEU D 242 2.89 -27.80 17.01
N VAL D 243 2.70 -27.11 15.89
CA VAL D 243 1.41 -26.89 15.30
C VAL D 243 1.25 -27.86 14.13
N GLU D 244 0.09 -28.51 14.06
CA GLU D 244 -0.29 -29.32 12.91
C GLU D 244 0.14 -28.64 11.60
N SER D 245 0.79 -29.41 10.73
CA SER D 245 1.40 -28.89 9.51
C SER D 245 0.40 -28.19 8.59
N GLY D 246 0.77 -27.00 8.12
CA GLY D 246 -0.07 -26.20 7.23
C GLY D 246 -1.30 -25.54 7.84
N ALA D 247 -1.57 -25.83 9.11
CA ALA D 247 -2.80 -25.37 9.77
C ALA D 247 -2.82 -23.87 10.12
N LEU D 248 -1.66 -23.32 10.46
CA LEU D 248 -1.58 -21.89 10.77
C LEU D 248 -1.76 -21.05 9.52
N TYR D 249 -1.10 -21.45 8.43
CA TYR D 249 -1.29 -20.75 7.17
C TYR D 249 -2.75 -20.78 6.74
N SER D 250 -3.38 -21.95 6.84
CA SER D 250 -4.76 -22.13 6.43
C SER D 250 -5.71 -21.17 7.14
N VAL D 251 -5.60 -21.10 8.46
CA VAL D 251 -6.47 -20.27 9.29
C VAL D 251 -6.23 -18.77 9.02
N MET D 252 -4.97 -18.34 9.08
CA MET D 252 -4.63 -16.92 8.92
C MET D 252 -4.99 -16.38 7.54
N GLN D 253 -4.74 -17.20 6.51
CA GLN D 253 -5.09 -16.87 5.14
C GLN D 253 -6.60 -16.66 5.01
N ALA D 254 -7.38 -17.58 5.60
CA ALA D 254 -8.85 -17.54 5.49
C ALA D 254 -9.52 -16.49 6.38
N ASN D 255 -8.82 -16.04 7.42
CA ASN D 255 -9.37 -15.09 8.41
C ASN D 255 -8.48 -13.86 8.64
N PRO D 256 -8.62 -12.83 7.80
CA PRO D 256 -7.76 -11.64 7.87
C PRO D 256 -7.90 -10.82 9.15
N MET D 257 -9.01 -11.01 9.86
CA MET D 257 -9.24 -10.35 11.16
C MET D 257 -8.26 -10.87 12.20
N ARG D 258 -7.94 -12.16 12.10
CA ARG D 258 -7.03 -12.83 13.02
C ARG D 258 -5.58 -12.46 12.74
N GLN D 259 -4.72 -12.59 13.74
CA GLN D 259 -3.31 -12.26 13.61
C GLN D 259 -2.37 -13.29 14.20
N ALA D 260 -1.16 -13.36 13.65
CA ALA D 260 -0.10 -14.22 14.17
C ALA D 260 1.24 -13.51 14.17
N ALA D 261 2.16 -14.01 14.99
CA ALA D 261 3.53 -13.55 15.00
C ALA D 261 4.39 -14.79 15.18
N VAL D 262 5.30 -15.01 14.25
CA VAL D 262 6.14 -16.20 14.27
C VAL D 262 7.60 -15.81 14.11
N ASP D 263 8.46 -16.59 14.78
CA ASP D 263 9.90 -16.43 14.70
C ASP D 263 10.52 -17.69 14.10
N VAL D 264 9.68 -18.71 13.91
CA VAL D 264 10.14 -20.05 13.51
C VAL D 264 9.28 -20.65 12.41
N TYR D 265 9.85 -21.59 11.65
CA TYR D 265 9.25 -22.08 10.40
C TYR D 265 9.55 -23.55 10.21
N GLU D 266 8.78 -24.22 9.37
CA GLU D 266 8.99 -25.66 9.11
C GLU D 266 10.34 -25.92 8.47
N ASN D 267 10.77 -24.98 7.63
CA ASN D 267 12.10 -25.02 7.05
C ASN D 267 12.76 -23.68 7.22
N GLU D 268 13.99 -23.70 7.72
CA GLU D 268 14.76 -22.48 7.91
C GLU D 268 16.11 -22.59 7.21
N PRO D 269 16.56 -21.55 6.49
CA PRO D 269 15.95 -20.23 6.25
C PRO D 269 14.60 -20.34 5.55
N ALA D 270 13.66 -19.50 5.94
CA ALA D 270 12.38 -19.40 5.24
C ALA D 270 12.43 -18.23 4.26
N LEU D 271 12.13 -18.51 3.00
CA LEU D 271 12.24 -17.52 1.93
C LEU D 271 10.87 -17.13 1.35
N PRO D 272 10.71 -15.86 0.90
CA PRO D 272 9.49 -15.42 0.22
C PRO D 272 9.27 -16.25 -1.04
N ASN D 273 8.00 -16.43 -1.43
CA ASN D 273 7.63 -17.27 -2.57
C ASN D 273 7.73 -18.78 -2.33
N ASN D 274 8.07 -19.11 -1.09
CA ASN D 274 8.38 -20.45 -0.68
C ASN D 274 7.70 -20.75 0.64
N GLU D 275 7.96 -19.90 1.64
CA GLU D 275 7.25 -19.95 2.90
C GLU D 275 5.99 -19.15 2.62
N PRO D 276 4.80 -19.76 2.80
CA PRO D 276 3.55 -19.08 2.43
C PRO D 276 3.17 -18.05 3.51
N LEU D 277 3.57 -18.29 4.76
CA LEU D 277 3.32 -17.35 5.85
C LEU D 277 3.84 -15.95 5.54
N LEU D 278 4.91 -15.86 4.76
CA LEU D 278 5.51 -14.58 4.39
C LEU D 278 4.67 -13.72 3.46
N SER D 279 3.64 -14.32 2.87
CA SER D 279 2.77 -13.62 1.92
C SER D 279 1.49 -13.10 2.58
N LEU D 280 1.32 -13.37 3.87
CA LEU D 280 0.11 -12.99 4.60
C LEU D 280 0.31 -11.69 5.41
N PRO D 281 -0.51 -10.66 5.13
CA PRO D 281 -0.31 -9.38 5.78
C PRO D 281 -0.65 -9.43 7.27
N ASN D 282 -1.47 -10.39 7.67
CA ASN D 282 -1.86 -10.53 9.07
C ASN D 282 -0.94 -11.42 9.90
N VAL D 283 0.22 -11.74 9.37
CA VAL D 283 1.20 -12.56 10.09
C VAL D 283 2.54 -11.85 10.09
N LEU D 284 3.01 -11.51 11.29
CA LEU D 284 4.32 -10.89 11.42
C LEU D 284 5.37 -12.00 11.45
N CYS D 285 6.36 -11.91 10.58
CA CYS D 285 7.39 -12.92 10.46
C CYS D 285 8.79 -12.36 10.77
N ALA D 286 9.47 -12.97 11.75
CA ALA D 286 10.86 -12.61 12.05
C ALA D 286 11.78 -13.79 11.71
N PRO D 287 13.06 -13.53 11.38
CA PRO D 287 13.94 -14.62 10.95
C PRO D 287 14.66 -15.34 12.10
N HIS D 288 13.88 -16.02 12.95
CA HIS D 288 14.40 -16.78 14.09
C HIS D 288 15.38 -16.00 14.93
N LEU D 289 14.96 -14.81 15.34
CA LEU D 289 15.84 -13.87 16.05
C LEU D 289 15.99 -14.13 17.54
N GLY D 290 15.10 -14.95 18.11
CA GLY D 290 15.05 -15.16 19.57
C GLY D 290 16.40 -15.15 20.24
N TYR D 291 17.25 -16.11 19.87
CA TYR D 291 18.56 -16.24 20.50
C TYR D 291 19.68 -15.45 19.83
N VAL D 292 19.34 -14.68 18.79
CA VAL D 292 20.32 -13.97 17.99
C VAL D 292 20.50 -12.54 18.54
N GLU D 293 21.50 -12.40 19.41
CA GLU D 293 21.63 -11.24 20.27
C GLU D 293 23.05 -11.25 20.87
N LYS D 294 23.61 -10.08 21.15
CA LYS D 294 25.01 -9.94 21.62
C LYS D 294 25.35 -10.75 22.88
N ASN D 295 24.68 -10.48 24.00
CA ASN D 295 24.93 -11.23 25.25
C ASN D 295 24.66 -12.72 25.13
N SER D 296 23.61 -13.09 24.41
CA SER D 296 23.25 -14.48 24.15
C SER D 296 24.33 -15.21 23.37
N TYR D 297 24.87 -14.54 22.34
CA TYR D 297 25.96 -15.12 21.57
C TYR D 297 27.21 -15.28 22.43
N GLU D 298 27.52 -14.28 23.26
CA GLU D 298 28.72 -14.33 24.09
C GLU D 298 28.65 -15.53 25.03
N ILE D 299 27.47 -15.75 25.59
CA ILE D 299 27.20 -16.86 26.50
C ILE D 299 27.33 -18.20 25.77
N TYR D 300 26.58 -18.35 24.68
CA TYR D 300 26.62 -19.58 23.87
C TYR D 300 28.04 -19.95 23.50
N PHE D 301 28.77 -18.99 22.94
CA PHE D 301 30.07 -19.27 22.33
C PHE D 301 31.20 -19.34 23.35
N GLN D 302 31.07 -18.58 24.44
CA GLN D 302 32.00 -18.73 25.56
C GLN D 302 32.06 -20.18 26.06
N ALA D 303 30.89 -20.75 26.35
CA ALA D 303 30.79 -22.13 26.83
C ALA D 303 31.20 -23.13 25.75
N ALA D 304 30.74 -22.91 24.52
CA ALA D 304 31.05 -23.81 23.39
C ALA D 304 32.54 -23.78 23.04
N PHE D 305 33.16 -22.62 23.15
CA PHE D 305 34.58 -22.50 22.81
C PHE D 305 35.46 -23.07 23.91
N GLU D 306 35.03 -22.91 25.16
CA GLU D 306 35.75 -23.48 26.32
C GLU D 306 35.67 -25.00 26.30
N ASN D 307 34.55 -25.55 25.82
CA ASN D 307 34.41 -27.00 25.66
C ASN D 307 35.39 -27.54 24.63
N VAL D 308 35.56 -26.79 23.54
CA VAL D 308 36.55 -27.13 22.51
C VAL D 308 37.95 -27.14 23.10
N VAL D 309 38.31 -26.05 23.80
CA VAL D 309 39.60 -25.93 24.47
C VAL D 309 39.87 -27.08 25.46
N LYS D 310 38.87 -27.39 26.28
CA LYS D 310 38.94 -28.50 27.23
C LYS D 310 39.12 -29.86 26.55
N PHE D 311 38.35 -30.12 25.49
CA PHE D 311 38.52 -31.34 24.69
C PHE D 311 39.90 -31.39 24.02
N ALA D 312 40.40 -30.23 23.58
CA ALA D 312 41.68 -30.15 22.88
C ALA D 312 42.88 -30.59 23.71
N HIS D 313 42.79 -30.42 25.03
CA HIS D 313 43.84 -30.87 25.95
C HIS D 313 43.67 -32.32 26.29
N SER D 314 43.89 -33.18 25.30
CA SER D 314 43.77 -34.63 25.46
C SER D 314 44.52 -35.36 24.34
N ALA D 315 45.36 -36.34 24.68
CA ALA D 315 45.63 -36.77 26.06
C ALA D 315 47.06 -36.46 26.46
#